data_8HUZ
#
_entry.id   8HUZ
#
_cell.length_a   86.802
_cell.length_b   94.722
_cell.length_c   165.526
_cell.angle_alpha   90.00
_cell.angle_beta   90.00
_cell.angle_gamma   90.00
#
_symmetry.space_group_name_H-M   'P 21 21 21'
#
_entity_poly.entity_id   1
_entity_poly.type   'polypeptide(L)'
_entity_poly.pdbx_seq_one_letter_code
;MAGSELRAELEQRLGALAIRTEVVEHPEVFTIEEMMPHIQHLKGAHSKNLFLKDKKKKNYWLVTVLHDRQINLNDLGKQL
GVGSGNLRFADETAMLEKLKVGQGCATPLSLFCDDGDVKFVLDSAFLEGGHEKVYFHPMTNAATMGLSPEDFLIFVKATG
HDPIILNFD
;
_entity_poly.pdbx_strand_id   F,A,B,C,D,E
#
# COMPACT_ATOMS: atom_id res chain seq x y z
N LEU A 6 10.88 17.73 10.77
CA LEU A 6 9.87 17.37 9.78
C LEU A 6 10.43 17.48 8.37
N ARG A 7 9.67 17.00 7.39
CA ARG A 7 10.10 17.06 6.00
C ARG A 7 10.17 18.50 5.49
N ALA A 8 9.29 19.36 6.01
CA ALA A 8 9.27 20.75 5.57
C ALA A 8 10.60 21.44 5.86
N GLU A 9 11.19 21.16 7.03
CA GLU A 9 12.50 21.74 7.33
C GLU A 9 13.57 21.21 6.38
N LEU A 10 13.48 19.95 5.99
CA LEU A 10 14.46 19.38 5.06
C LEU A 10 14.36 20.07 3.70
N GLU A 11 13.14 20.21 3.17
CA GLU A 11 12.97 20.90 1.91
C GLU A 11 13.36 22.37 2.02
N GLN A 12 13.09 23.00 3.17
CA GLN A 12 13.48 24.39 3.38
C GLN A 12 14.98 24.57 3.33
N ARG A 13 15.72 23.67 4.00
CA ARG A 13 17.17 23.77 3.98
C ARG A 13 17.75 23.41 2.62
N LEU A 14 17.10 22.50 1.89
CA LEU A 14 17.55 22.21 0.52
C LEU A 14 17.34 23.41 -0.39
N GLY A 15 16.19 24.08 -0.27
CA GLY A 15 15.97 25.30 -1.03
C GLY A 15 16.92 26.42 -0.65
N ALA A 16 17.29 26.49 0.64
CA ALA A 16 18.30 27.45 1.05
C ALA A 16 19.66 27.14 0.46
N LEU A 17 19.95 25.85 0.24
CA LEU A 17 21.18 25.42 -0.40
C LEU A 17 21.06 25.30 -1.91
N ALA A 18 19.89 25.66 -2.47
CA ALA A 18 19.66 25.64 -3.91
C ALA A 18 19.88 24.25 -4.51
N ILE A 19 19.21 23.27 -3.92
CA ILE A 19 19.26 21.88 -4.37
C ILE A 19 17.88 21.50 -4.88
N ARG A 20 17.77 21.29 -6.20
CA ARG A 20 16.52 20.85 -6.79
C ARG A 20 16.41 19.33 -6.69
N THR A 21 15.23 18.85 -6.28
CA THR A 21 15.01 17.44 -6.04
C THR A 21 13.83 16.95 -6.87
N GLU A 22 13.56 15.64 -6.77
CA GLU A 22 12.41 15.03 -7.41
C GLU A 22 11.76 14.10 -6.41
N VAL A 23 10.54 14.38 -6.02
CA VAL A 23 9.86 13.61 -4.97
C VAL A 23 8.72 12.85 -5.60
N VAL A 24 8.63 11.55 -5.28
CA VAL A 24 7.50 10.73 -5.69
C VAL A 24 6.80 10.28 -4.41
N GLU A 25 5.50 10.58 -4.35
CA GLU A 25 4.70 10.41 -3.15
C GLU A 25 4.15 8.99 -3.04
N HIS A 26 4.38 8.35 -1.91
CA HIS A 26 3.83 7.03 -1.63
C HIS A 26 2.49 7.18 -0.93
N PRO A 27 1.57 6.21 -1.09
CA PRO A 27 0.25 6.33 -0.45
C PRO A 27 0.24 5.84 0.99
N THR A 31 -0.55 -1.69 -5.16
CA THR A 31 -1.06 -1.89 -6.51
C THR A 31 0.03 -1.62 -7.56
N ILE A 32 0.51 -2.69 -8.18
CA ILE A 32 1.59 -2.63 -9.17
C ILE A 32 1.36 -1.61 -10.27
N GLU A 33 0.12 -1.12 -10.44
CA GLU A 33 -0.15 -0.19 -11.53
C GLU A 33 0.35 1.22 -11.20
N GLU A 34 0.05 1.71 -9.99
CA GLU A 34 0.60 2.99 -9.57
C GLU A 34 2.12 2.93 -9.52
N MET A 35 2.67 1.83 -9.00
CA MET A 35 4.11 1.71 -8.90
C MET A 35 4.76 1.55 -10.27
N MET A 36 4.02 1.08 -11.27
CA MET A 36 4.54 1.02 -12.62
C MET A 36 4.51 2.40 -13.27
N PRO A 37 3.44 3.16 -13.02
CA PRO A 37 3.37 4.53 -13.55
C PRO A 37 4.45 5.41 -12.95
N HIS A 38 4.77 5.21 -11.68
CA HIS A 38 5.80 5.99 -11.01
C HIS A 38 7.21 5.43 -11.24
N ILE A 39 7.32 4.13 -11.51
CA ILE A 39 8.62 3.48 -11.69
C ILE A 39 9.34 3.97 -12.94
N GLN A 40 8.60 4.36 -13.98
CA GLN A 40 9.24 4.77 -15.22
C GLN A 40 10.16 5.96 -15.01
N HIS A 41 9.75 6.91 -14.16
CA HIS A 41 10.62 8.05 -13.87
C HIS A 41 11.65 7.74 -12.79
N LEU A 42 11.39 6.74 -11.95
CA LEU A 42 12.31 6.37 -10.87
C LEU A 42 13.37 5.42 -11.43
N LYS A 43 14.59 5.91 -11.59
CA LYS A 43 15.69 5.07 -12.06
C LYS A 43 17.00 5.64 -11.50
N GLY A 44 17.63 4.90 -10.58
CA GLY A 44 18.85 5.38 -9.98
C GLY A 44 19.49 4.42 -8.99
N ALA A 45 19.92 4.93 -7.84
CA ALA A 45 20.58 4.13 -6.83
C ALA A 45 19.84 4.29 -5.51
N HIS A 46 19.23 3.21 -5.04
CA HIS A 46 18.59 3.17 -3.73
C HIS A 46 19.56 2.61 -2.69
N SER A 47 19.14 2.65 -1.43
CA SER A 47 20.07 2.41 -0.33
C SER A 47 19.39 1.67 0.81
N LYS A 48 20.23 1.02 1.61
CA LYS A 48 19.85 0.50 2.92
C LYS A 48 20.66 1.25 3.97
N ASN A 49 19.98 1.70 5.01
CA ASN A 49 20.55 2.55 6.05
C ASN A 49 20.61 1.78 7.36
N LEU A 50 21.72 1.96 8.08
CA LEU A 50 21.97 1.29 9.35
C LEU A 50 22.28 2.35 10.40
N PHE A 51 21.69 2.23 11.57
CA PHE A 51 22.01 3.12 12.69
C PHE A 51 22.69 2.27 13.75
N LEU A 52 23.99 2.48 13.93
CA LEU A 52 24.79 1.62 14.77
C LEU A 52 25.36 2.41 15.95
N LYS A 53 25.82 1.65 16.94
CA LYS A 53 26.36 2.23 18.17
C LYS A 53 27.53 1.38 18.62
N ASP A 54 28.52 2.03 19.22
CA ASP A 54 29.66 1.32 19.78
C ASP A 54 29.40 1.11 21.27
N LYS A 55 29.42 -0.16 21.70
CA LYS A 55 29.17 -0.47 23.11
C LYS A 55 30.21 0.17 24.00
N LYS A 56 31.49 0.05 23.63
CA LYS A 56 32.57 0.56 24.46
C LYS A 56 32.56 2.08 24.52
N LYS A 57 32.65 2.74 23.37
CA LYS A 57 32.79 4.19 23.33
C LYS A 57 31.47 4.92 23.56
N LYS A 58 30.34 4.23 23.45
CA LYS A 58 29.01 4.80 23.63
C LYS A 58 28.83 6.05 22.76
N ASN A 59 29.06 5.86 21.47
CA ASN A 59 28.88 6.91 20.47
C ASN A 59 28.05 6.33 19.34
N TYR A 60 27.00 7.05 18.94
CA TYR A 60 26.13 6.59 17.87
C TYR A 60 26.65 7.10 16.54
N TRP A 61 26.54 6.27 15.49
CA TRP A 61 26.86 6.73 14.15
C TRP A 61 25.94 6.05 13.15
N LEU A 62 25.98 6.57 11.94
CA LEU A 62 25.05 6.25 10.87
C LEU A 62 25.81 5.74 9.65
N VAL A 63 25.31 4.66 9.05
CA VAL A 63 25.91 4.08 7.85
C VAL A 63 24.87 4.04 6.74
N THR A 64 25.28 4.39 5.52
CA THR A 64 24.39 4.38 4.36
C THR A 64 25.08 3.64 3.22
N VAL A 65 24.58 2.46 2.87
CA VAL A 65 25.17 1.66 1.81
C VAL A 65 24.10 1.36 0.77
N LEU A 66 24.51 0.74 -0.33
CA LEU A 66 23.55 0.40 -1.38
C LEU A 66 22.54 -0.61 -0.89
N HIS A 67 21.38 -0.64 -1.55
CA HIS A 67 20.27 -1.47 -1.09
C HIS A 67 20.58 -2.95 -1.23
N ASP A 68 21.45 -3.30 -2.18
CA ASP A 68 21.81 -4.69 -2.43
C ASP A 68 23.17 -5.06 -1.85
N ARG A 69 23.74 -4.21 -1.01
CA ARG A 69 25.06 -4.44 -0.45
C ARG A 69 24.95 -5.49 0.66
N GLN A 70 25.55 -6.66 0.43
CA GLN A 70 25.74 -7.62 1.51
C GLN A 70 26.78 -7.09 2.47
N ILE A 71 26.54 -7.26 3.77
CA ILE A 71 27.35 -6.60 4.78
C ILE A 71 27.38 -7.46 6.04
N ASN A 72 28.57 -7.61 6.61
CA ASN A 72 28.77 -8.26 7.90
C ASN A 72 29.06 -7.19 8.93
N LEU A 73 28.36 -7.26 10.07
CA LEU A 73 28.47 -6.20 11.06
C LEU A 73 29.85 -6.15 11.70
N ASN A 74 30.36 -7.31 12.11
CA ASN A 74 31.67 -7.34 12.75
C ASN A 74 32.79 -6.96 11.79
N ASP A 75 32.65 -7.33 10.51
CA ASP A 75 33.66 -6.94 9.52
C ASP A 75 33.62 -5.43 9.29
N LEU A 76 32.42 -4.85 9.25
CA LEU A 76 32.30 -3.40 9.13
C LEU A 76 32.91 -2.70 10.32
N GLY A 77 32.66 -3.23 11.53
CA GLY A 77 33.30 -2.68 12.71
C GLY A 77 34.81 -2.80 12.66
N LYS A 78 35.31 -3.92 12.12
CA LYS A 78 36.75 -4.10 11.98
C LYS A 78 37.34 -3.04 11.06
N GLN A 79 36.61 -2.66 10.00
CA GLN A 79 37.14 -1.61 9.14
C GLN A 79 37.24 -0.27 9.87
N LEU A 80 36.33 0.01 10.80
CA LEU A 80 36.34 1.28 11.52
C LEU A 80 36.82 1.13 12.97
N GLY A 81 36.16 0.30 13.77
CA GLY A 81 36.46 0.26 15.18
C GLY A 81 36.47 -1.13 15.81
N SER A 84 37.99 -6.80 15.54
CA SER A 84 37.08 -7.03 16.64
C SER A 84 35.74 -6.36 16.40
N GLY A 85 34.66 -7.14 16.49
CA GLY A 85 33.33 -6.60 16.25
C GLY A 85 32.64 -6.13 17.51
N ASN A 86 32.72 -4.82 17.75
CA ASN A 86 32.04 -4.18 18.87
C ASN A 86 30.82 -3.38 18.45
N LEU A 87 30.57 -3.24 17.14
CA LEU A 87 29.44 -2.47 16.64
C LEU A 87 28.17 -3.32 16.66
N ARG A 88 27.12 -2.77 17.27
CA ARG A 88 25.84 -3.44 17.39
C ARG A 88 24.76 -2.48 16.89
N PHE A 89 23.60 -3.04 16.55
CA PHE A 89 22.49 -2.21 16.13
C PHE A 89 22.00 -1.38 17.31
N ALA A 90 21.56 -0.16 17.02
CA ALA A 90 21.16 0.79 18.04
C ALA A 90 19.66 0.73 18.25
N ASP A 91 19.26 0.89 19.51
CA ASP A 91 17.84 0.86 19.85
C ASP A 91 17.09 1.96 19.11
N GLU A 92 15.87 1.64 18.66
CA GLU A 92 15.07 2.61 17.94
C GLU A 92 14.77 3.85 18.78
N THR A 93 14.74 3.70 20.10
CA THR A 93 14.55 4.87 20.96
C THR A 93 15.68 5.87 20.77
N ALA A 94 16.92 5.38 20.62
CA ALA A 94 18.05 6.26 20.38
C ALA A 94 17.92 6.99 19.06
N MET A 95 17.52 6.27 18.00
CA MET A 95 17.32 6.91 16.70
C MET A 95 16.19 7.93 16.77
N LEU A 96 15.14 7.64 17.53
CA LEU A 96 14.02 8.56 17.65
C LEU A 96 14.43 9.83 18.39
N GLU A 97 15.24 9.70 19.44
CA GLU A 97 15.66 10.86 20.21
C GLU A 97 16.80 11.64 19.56
N LYS A 98 17.58 11.01 18.68
CA LYS A 98 18.72 11.66 18.05
C LYS A 98 18.42 12.23 16.67
N LEU A 99 17.61 11.55 15.86
CA LEU A 99 17.35 11.97 14.49
C LEU A 99 15.88 12.23 14.21
N LYS A 100 15.02 12.18 15.23
CA LYS A 100 13.61 12.55 15.14
C LYS A 100 12.84 11.65 14.18
N VAL A 101 13.37 10.47 13.87
CA VAL A 101 12.72 9.50 12.99
C VAL A 101 12.78 8.13 13.63
N GLY A 102 11.84 7.26 13.23
CA GLY A 102 11.79 5.91 13.72
C GLY A 102 11.17 4.97 12.70
N GLN A 103 11.89 3.90 12.34
CA GLN A 103 11.50 2.94 11.33
C GLN A 103 11.47 3.55 9.92
N GLY A 104 11.64 4.87 9.85
CA GLY A 104 11.93 5.53 8.60
C GLY A 104 13.37 5.99 8.55
N CYS A 105 14.22 5.24 7.86
CA CYS A 105 15.66 5.52 7.86
C CYS A 105 15.96 6.58 6.81
N ALA A 106 15.47 7.80 7.08
CA ALA A 106 15.78 8.95 6.24
C ALA A 106 17.11 9.51 6.68
N THR A 107 18.11 8.66 6.70
CA THR A 107 19.35 8.89 7.42
C THR A 107 20.21 10.04 6.90
N PRO A 108 20.39 10.21 5.57
CA PRO A 108 21.16 11.38 5.13
C PRO A 108 20.37 12.68 5.23
N LEU A 109 19.05 12.59 5.11
CA LEU A 109 18.18 13.76 5.14
C LEU A 109 17.67 14.10 6.53
N SER A 110 18.01 13.30 7.55
CA SER A 110 17.59 13.59 8.92
C SER A 110 18.76 13.81 9.86
N LEU A 111 19.98 13.88 9.35
CA LEU A 111 21.15 14.11 10.19
C LEU A 111 21.42 15.59 10.43
N PHE A 112 20.58 16.48 9.90
CA PHE A 112 20.81 17.91 10.08
C PHE A 112 20.55 18.37 11.51
N CYS A 113 20.02 17.51 12.38
CA CYS A 113 19.78 17.82 13.77
C CYS A 113 21.01 17.57 14.63
N ASP A 114 21.57 16.37 14.56
CA ASP A 114 22.77 16.03 15.32
C ASP A 114 23.96 16.86 14.83
N ASP A 115 24.63 17.53 15.76
CA ASP A 115 25.76 18.38 15.39
C ASP A 115 27.09 17.67 15.47
N GLY A 116 27.34 16.91 16.54
CA GLY A 116 28.63 16.26 16.69
C GLY A 116 28.59 14.90 17.36
N ASP A 117 27.40 14.32 17.52
CA ASP A 117 27.26 13.06 18.24
C ASP A 117 27.01 11.87 17.31
N VAL A 118 26.85 12.10 16.01
CA VAL A 118 26.62 11.03 15.05
C VAL A 118 27.56 11.24 13.87
N LYS A 119 28.45 10.28 13.64
CA LYS A 119 29.28 10.29 12.44
C LYS A 119 28.51 9.67 11.29
N PHE A 120 28.98 9.92 10.07
CA PHE A 120 28.30 9.47 8.86
C PHE A 120 29.27 8.66 8.02
N VAL A 121 28.89 7.42 7.72
CA VAL A 121 29.63 6.54 6.84
C VAL A 121 28.81 6.37 5.57
N LEU A 122 29.44 6.54 4.42
CA LEU A 122 28.76 6.51 3.14
C LEU A 122 29.47 5.54 2.21
N ASP A 123 28.69 4.69 1.54
CA ASP A 123 29.27 3.81 0.54
C ASP A 123 29.84 4.66 -0.59
N SER A 124 30.97 4.21 -1.15
CA SER A 124 31.62 4.98 -2.20
C SER A 124 30.84 4.89 -3.51
N ALA A 125 30.10 3.81 -3.71
CA ALA A 125 29.38 3.58 -4.96
C ALA A 125 28.23 4.56 -5.17
N PHE A 126 27.89 5.39 -4.18
CA PHE A 126 26.91 6.43 -4.41
C PHE A 126 27.48 7.61 -5.18
N LEU A 127 28.78 7.87 -5.04
CA LEU A 127 29.43 8.96 -5.74
C LEU A 127 30.05 8.52 -7.06
N GLU A 128 30.44 7.26 -7.17
CA GLU A 128 30.97 6.69 -8.40
C GLU A 128 29.91 5.80 -9.06
N GLY A 129 29.87 5.80 -10.39
CA GLY A 129 28.95 4.93 -11.07
C GLY A 129 27.96 5.63 -11.99
N GLY A 130 27.37 4.87 -12.90
CA GLY A 130 26.45 5.43 -13.88
C GLY A 130 25.01 5.48 -13.42
N HIS A 131 24.74 6.21 -12.34
CA HIS A 131 23.39 6.46 -11.87
C HIS A 131 23.23 7.96 -11.67
N GLU A 132 22.22 8.54 -12.34
CA GLU A 132 22.11 10.00 -12.38
C GLU A 132 21.68 10.59 -11.04
N LYS A 133 20.84 9.88 -10.29
CA LYS A 133 20.32 10.38 -9.04
C LYS A 133 20.29 9.27 -8.00
N VAL A 134 20.36 9.67 -6.73
CA VAL A 134 20.21 8.75 -5.61
C VAL A 134 18.95 9.12 -4.85
N TYR A 135 18.39 8.12 -4.16
CA TYR A 135 17.07 8.25 -3.55
C TYR A 135 17.14 7.98 -2.05
N PHE A 136 16.46 8.81 -1.28
CA PHE A 136 16.36 8.63 0.17
C PHE A 136 14.98 9.12 0.61
N HIS A 137 14.57 8.68 1.79
CA HIS A 137 13.29 9.19 2.31
C HIS A 137 13.45 10.61 2.83
N PRO A 138 12.45 11.47 2.63
CA PRO A 138 12.47 12.83 3.19
C PRO A 138 11.87 12.90 4.59
N MET A 139 12.48 12.17 5.52
CA MET A 139 12.03 12.11 6.93
C MET A 139 10.62 11.58 7.05
N THR A 140 10.20 10.72 6.11
CA THR A 140 8.90 10.07 6.16
C THR A 140 8.89 8.93 5.16
N ASN A 141 8.07 7.92 5.44
CA ASN A 141 7.90 6.79 4.53
C ASN A 141 6.89 7.08 3.43
N ALA A 142 6.19 8.21 3.48
CA ALA A 142 5.12 8.53 2.55
C ALA A 142 5.64 9.08 1.21
N ALA A 143 6.95 9.13 1.01
CA ALA A 143 7.51 9.64 -0.24
C ALA A 143 8.96 9.22 -0.32
N THR A 144 9.54 9.38 -1.51
CA THR A 144 10.97 9.21 -1.72
C THR A 144 11.49 10.36 -2.56
N MET A 145 12.58 10.98 -2.10
CA MET A 145 13.23 12.11 -2.75
C MET A 145 14.49 11.64 -3.46
N GLY A 146 14.64 12.03 -4.71
CA GLY A 146 15.82 11.71 -5.49
C GLY A 146 16.54 12.99 -5.88
N LEU A 147 17.86 12.94 -5.85
CA LEU A 147 18.69 14.12 -6.10
C LEU A 147 20.08 13.68 -6.54
N SER A 148 20.82 14.64 -7.09
CA SER A 148 22.14 14.34 -7.62
C SER A 148 23.07 13.91 -6.49
N PRO A 149 23.95 12.94 -6.72
CA PRO A 149 24.87 12.50 -5.66
C PRO A 149 25.85 13.59 -5.22
N GLU A 150 26.31 14.44 -6.14
CA GLU A 150 27.25 15.49 -5.77
C GLU A 150 26.57 16.56 -4.92
N ASP A 151 25.36 16.97 -5.30
CA ASP A 151 24.60 17.90 -4.47
C ASP A 151 24.24 17.26 -3.12
N PHE A 152 24.03 15.94 -3.11
CA PHE A 152 23.80 15.24 -1.86
C PHE A 152 25.02 15.28 -0.95
N LEU A 153 26.21 15.12 -1.54
CA LEU A 153 27.43 15.25 -0.77
C LEU A 153 27.58 16.68 -0.23
N ILE A 154 27.27 17.67 -1.07
CA ILE A 154 27.29 19.07 -0.62
C ILE A 154 26.35 19.24 0.57
N PHE A 155 25.16 18.63 0.51
CA PHE A 155 24.20 18.75 1.60
C PHE A 155 24.74 18.13 2.88
N VAL A 156 25.23 16.89 2.81
CA VAL A 156 25.68 16.22 4.03
C VAL A 156 26.90 16.92 4.61
N LYS A 157 27.71 17.56 3.77
CA LYS A 157 28.82 18.35 4.29
C LYS A 157 28.34 19.67 4.88
N ALA A 158 27.23 20.21 4.38
CA ALA A 158 26.67 21.45 4.91
C ALA A 158 25.99 21.28 6.26
N THR A 159 25.70 20.05 6.67
CA THR A 159 25.08 19.80 7.97
C THR A 159 26.09 19.67 9.10
N GLY A 160 27.39 19.74 8.78
CA GLY A 160 28.42 19.57 9.77
C GLY A 160 28.97 18.17 9.89
N HIS A 161 28.64 17.29 8.95
CA HIS A 161 29.10 15.90 8.96
C HIS A 161 30.01 15.71 7.76
N ASP A 162 31.30 15.88 7.97
CA ASP A 162 32.26 15.51 6.95
C ASP A 162 32.29 13.99 6.90
N PRO A 163 31.74 13.37 5.86
CA PRO A 163 31.59 11.90 5.87
C PRO A 163 32.94 11.22 5.77
N ILE A 164 32.93 9.92 6.02
CA ILE A 164 34.10 9.07 5.85
C ILE A 164 33.77 8.08 4.74
N ILE A 165 34.12 8.45 3.51
CA ILE A 165 33.84 7.61 2.37
C ILE A 165 34.79 6.41 2.38
N LEU A 166 34.24 5.21 2.25
CA LEU A 166 35.03 4.00 2.17
C LEU A 166 34.46 3.13 1.06
N ASN A 167 35.34 2.39 0.40
CA ASN A 167 34.97 1.57 -0.76
C ASN A 167 34.82 0.13 -0.34
N PHE A 168 33.85 -0.56 -0.95
CA PHE A 168 33.62 -1.97 -0.68
C PHE A 168 34.18 -2.87 -1.78
N ASP A 169 34.30 -2.37 -3.00
CA ASP A 169 34.82 -3.15 -4.11
C ASP A 169 36.34 -3.28 -4.05
N LEU B 6 -12.64 -17.68 -9.11
CA LEU B 6 -11.59 -17.27 -8.20
C LEU B 6 -10.22 -17.54 -8.81
N ARG B 7 -9.17 -17.05 -8.16
CA ARG B 7 -7.81 -17.22 -8.68
C ARG B 7 -7.38 -18.68 -8.69
N ALA B 8 -7.85 -19.47 -7.71
CA ALA B 8 -7.45 -20.88 -7.65
C ALA B 8 -7.92 -21.65 -8.87
N GLU B 9 -9.14 -21.40 -9.33
CA GLU B 9 -9.63 -22.06 -10.54
C GLU B 9 -8.83 -21.61 -11.77
N LEU B 10 -8.45 -20.34 -11.80
CA LEU B 10 -7.67 -19.81 -12.91
C LEU B 10 -6.30 -20.49 -12.97
N GLU B 11 -5.63 -20.59 -11.83
CA GLU B 11 -4.34 -21.28 -11.78
C GLU B 11 -4.48 -22.76 -12.08
N GLN B 12 -5.59 -23.37 -11.68
CA GLN B 12 -5.81 -24.78 -11.99
C GLN B 12 -5.94 -24.98 -13.51
N ARG B 13 -6.68 -24.10 -14.18
CA ARG B 13 -6.83 -24.22 -15.62
C ARG B 13 -5.54 -23.88 -16.35
N LEU B 14 -4.73 -22.97 -15.81
CA LEU B 14 -3.43 -22.70 -16.41
C LEU B 14 -2.49 -23.90 -16.26
N GLY B 15 -2.49 -24.53 -15.08
CA GLY B 15 -1.70 -25.74 -14.89
C GLY B 15 -2.16 -26.89 -15.77
N ALA B 16 -3.46 -26.96 -16.03
CA ALA B 16 -3.96 -27.97 -16.96
C ALA B 16 -3.48 -27.71 -18.38
N LEU B 17 -3.24 -26.46 -18.74
CA LEU B 17 -2.74 -26.09 -20.06
C LEU B 17 -1.23 -26.04 -20.14
N ALA B 18 -0.52 -26.40 -19.05
CA ALA B 18 0.95 -26.45 -19.03
C ALA B 18 1.55 -25.09 -19.35
N ILE B 19 1.10 -24.07 -18.62
CA ILE B 19 1.60 -22.71 -18.76
C ILE B 19 2.30 -22.34 -17.46
N ARG B 20 3.62 -22.22 -17.51
CA ARG B 20 4.41 -21.82 -16.35
C ARG B 20 4.43 -20.30 -16.22
N THR B 21 4.13 -19.81 -15.01
CA THR B 21 4.00 -18.38 -14.76
C THR B 21 4.86 -17.99 -13.57
N GLU B 22 4.89 -16.70 -13.28
CA GLU B 22 5.55 -16.17 -12.08
C GLU B 22 4.66 -15.07 -11.50
N VAL B 23 4.15 -15.30 -10.29
CA VAL B 23 3.18 -14.42 -9.65
C VAL B 23 3.83 -13.79 -8.43
N VAL B 24 3.68 -12.47 -8.27
CA VAL B 24 4.13 -11.76 -7.09
C VAL B 24 2.93 -11.18 -6.35
N GLU B 25 2.82 -11.49 -5.07
CA GLU B 25 1.68 -11.13 -4.23
C GLU B 25 1.84 -9.74 -3.64
N HIS B 26 0.83 -8.90 -3.82
CA HIS B 26 0.82 -7.54 -3.27
C HIS B 26 0.19 -7.55 -1.88
N PRO B 27 0.35 -6.46 -1.11
CA PRO B 27 -0.36 -6.38 0.18
C PRO B 27 -1.86 -6.33 0.04
N THR B 31 1.02 1.14 -1.63
CA THR B 31 1.06 0.53 -0.29
C THR B 31 2.29 -0.34 -0.13
N ILE B 32 3.31 -0.10 -0.95
CA ILE B 32 4.53 -0.90 -0.95
C ILE B 32 5.70 0.01 -1.33
N GLU B 33 6.30 0.64 -0.31
CA GLU B 33 7.41 1.55 -0.55
C GLU B 33 8.71 0.80 -0.81
N GLU B 34 9.02 -0.18 0.04
CA GLU B 34 10.18 -1.08 -0.06
C GLU B 34 10.11 -2.06 -1.25
N MET B 35 9.19 -1.88 -2.20
CA MET B 35 8.93 -2.77 -3.34
C MET B 35 10.05 -2.78 -4.36
N MET B 36 11.20 -2.17 -4.07
CA MET B 36 12.29 -2.16 -5.04
C MET B 36 12.81 -3.57 -5.29
N PRO B 37 12.81 -4.42 -4.27
CA PRO B 37 13.23 -5.80 -4.47
C PRO B 37 12.33 -6.47 -5.50
N HIS B 38 11.05 -6.11 -5.55
CA HIS B 38 10.16 -6.64 -6.55
C HIS B 38 10.21 -5.83 -7.85
N ILE B 39 10.60 -4.55 -7.75
CA ILE B 39 10.63 -3.68 -8.92
C ILE B 39 11.72 -4.07 -9.91
N GLN B 40 12.86 -4.55 -9.44
CA GLN B 40 13.96 -4.88 -10.35
C GLN B 40 13.58 -6.02 -11.29
N HIS B 41 12.87 -7.03 -10.78
CA HIS B 41 12.46 -8.15 -11.63
C HIS B 41 11.20 -7.87 -12.41
N LEU B 42 10.39 -6.90 -11.97
CA LEU B 42 9.15 -6.55 -12.65
C LEU B 42 9.46 -5.62 -13.83
N LYS B 43 10.09 -6.21 -14.85
CA LYS B 43 10.42 -5.51 -16.09
C LYS B 43 9.86 -6.33 -17.24
N GLY B 44 8.83 -5.79 -17.90
CA GLY B 44 8.15 -6.48 -18.97
C GLY B 44 7.05 -5.60 -19.55
N ALA B 45 5.87 -6.17 -19.77
CA ALA B 45 4.75 -5.44 -20.34
C ALA B 45 3.55 -5.54 -19.41
N HIS B 46 3.17 -4.41 -18.81
CA HIS B 46 1.94 -4.30 -18.05
C HIS B 46 0.84 -3.72 -18.94
N SER B 47 -0.39 -3.69 -18.44
CA SER B 47 -1.51 -3.39 -19.31
C SER B 47 -2.59 -2.61 -18.58
N LYS B 48 -3.38 -1.88 -19.38
CA LYS B 48 -4.65 -1.32 -18.97
C LYS B 48 -5.75 -1.95 -19.81
N ASN B 49 -6.82 -2.37 -19.14
CA ASN B 49 -7.90 -3.13 -19.74
C ASN B 49 -9.19 -2.33 -19.78
N LEU B 50 -9.94 -2.48 -20.87
CA LEU B 50 -11.20 -1.78 -21.10
C LEU B 50 -12.30 -2.79 -21.34
N PHE B 51 -13.44 -2.59 -20.67
CA PHE B 51 -14.64 -3.40 -20.87
C PHE B 51 -15.68 -2.49 -21.50
N LEU B 52 -16.01 -2.73 -22.77
CA LEU B 52 -16.87 -1.82 -23.51
C LEU B 52 -18.16 -2.53 -23.91
N LYS B 53 -19.14 -1.73 -24.32
CA LYS B 53 -20.46 -2.20 -24.66
C LYS B 53 -20.96 -1.48 -25.90
N ASP B 54 -21.77 -2.19 -26.69
CA ASP B 54 -22.42 -1.62 -27.88
C ASP B 54 -21.40 -1.26 -28.94
N LYS B 57 -25.54 -1.05 -31.24
CA LYS B 57 -25.73 -1.15 -29.79
C LYS B 57 -26.29 -2.52 -29.41
N LYS B 58 -25.43 -3.53 -29.35
CA LYS B 58 -25.92 -4.88 -29.07
C LYS B 58 -25.28 -5.53 -27.84
N ASN B 59 -23.95 -5.54 -27.73
CA ASN B 59 -23.29 -6.50 -26.86
C ASN B 59 -21.96 -5.95 -26.33
N TYR B 60 -21.46 -6.61 -25.28
CA TYR B 60 -20.23 -6.24 -24.60
C TYR B 60 -19.02 -6.97 -25.21
N TRP B 61 -17.88 -6.28 -25.24
CA TRP B 61 -16.63 -6.89 -25.65
C TRP B 61 -15.48 -6.30 -24.83
N LEU B 62 -14.32 -6.93 -24.95
CA LEU B 62 -13.18 -6.69 -24.09
C LEU B 62 -11.95 -6.27 -24.89
N VAL B 63 -11.27 -5.22 -24.43
CA VAL B 63 -10.06 -4.71 -25.05
C VAL B 63 -8.94 -4.70 -24.01
N THR B 64 -7.73 -5.10 -24.43
CA THR B 64 -6.57 -5.13 -23.53
C THR B 64 -5.40 -4.45 -24.22
N VAL B 65 -4.98 -3.27 -23.74
CA VAL B 65 -3.88 -2.55 -24.35
C VAL B 65 -2.81 -2.29 -23.31
N LEU B 66 -1.67 -1.76 -23.76
CA LEU B 66 -0.60 -1.42 -22.83
C LEU B 66 -1.02 -0.26 -21.94
N HIS B 67 -0.36 -0.14 -20.79
CA HIS B 67 -0.75 0.86 -19.80
C HIS B 67 -0.49 2.28 -20.31
N ASP B 68 0.49 2.44 -21.20
CA ASP B 68 0.86 3.75 -21.72
C ASP B 68 0.33 4.00 -23.13
N ARG B 69 -0.59 3.16 -23.60
CA ARG B 69 -1.15 3.28 -24.94
C ARG B 69 -2.16 4.42 -24.98
N GLN B 70 -1.86 5.46 -25.77
CA GLN B 70 -2.86 6.47 -26.06
C GLN B 70 -3.96 5.86 -26.93
N ILE B 71 -5.20 6.19 -26.62
CA ILE B 71 -6.34 5.51 -27.25
C ILE B 71 -7.54 6.46 -27.26
N ASN B 72 -8.24 6.51 -28.39
CA ASN B 72 -9.49 7.24 -28.54
C ASN B 72 -10.64 6.24 -28.63
N LEU B 73 -11.69 6.48 -27.85
CA LEU B 73 -12.79 5.52 -27.77
C LEU B 73 -13.57 5.45 -29.09
N ASN B 74 -14.00 6.61 -29.60
CA ASN B 74 -14.78 6.63 -30.83
C ASN B 74 -13.92 6.22 -32.02
N ASP B 75 -12.64 6.61 -32.01
CA ASP B 75 -11.73 6.17 -33.06
C ASP B 75 -11.53 4.67 -33.00
N LEU B 76 -11.44 4.12 -31.79
CA LEU B 76 -11.32 2.67 -31.66
C LEU B 76 -12.56 1.96 -32.18
N GLY B 77 -13.74 2.49 -31.88
CA GLY B 77 -14.96 1.92 -32.42
C GLY B 77 -14.99 1.96 -33.93
N LYS B 78 -14.52 3.07 -34.52
CA LYS B 78 -14.46 3.16 -35.98
C LYS B 78 -13.46 2.16 -36.56
N GLN B 79 -12.35 1.92 -35.86
CA GLN B 79 -11.35 0.96 -36.34
C GLN B 79 -11.89 -0.47 -36.36
N LEU B 80 -12.83 -0.80 -35.47
CA LEU B 80 -13.29 -2.17 -35.32
C LEU B 80 -14.65 -2.46 -35.95
N GLY B 81 -15.67 -1.71 -35.60
CA GLY B 81 -17.02 -2.16 -35.89
C GLY B 81 -18.12 -1.12 -35.76
N VAL B 82 -19.13 -1.45 -34.94
CA VAL B 82 -20.50 -0.96 -34.98
C VAL B 82 -20.62 0.49 -35.42
N GLY B 83 -19.75 1.35 -34.89
CA GLY B 83 -19.78 2.73 -35.34
C GLY B 83 -18.71 3.61 -34.71
N SER B 84 -19.05 4.87 -34.47
CA SER B 84 -18.15 5.81 -33.79
C SER B 84 -18.70 6.23 -32.45
N GLY B 85 -19.94 6.69 -32.39
CA GLY B 85 -20.57 7.07 -31.15
C GLY B 85 -21.28 5.96 -30.42
N ASN B 86 -21.24 4.72 -30.94
CA ASN B 86 -21.94 3.62 -30.30
C ASN B 86 -21.12 2.92 -29.22
N LEU B 87 -19.83 3.19 -29.12
CA LEU B 87 -18.99 2.58 -28.10
C LEU B 87 -19.06 3.42 -26.83
N ARG B 88 -19.48 2.81 -25.73
CA ARG B 88 -19.54 3.46 -24.44
C ARG B 88 -18.93 2.56 -23.38
N PHE B 89 -18.58 3.15 -22.25
CA PHE B 89 -18.08 2.36 -21.14
C PHE B 89 -19.20 1.48 -20.57
N ALA B 90 -18.83 0.29 -20.13
CA ALA B 90 -19.79 -0.69 -19.66
C ALA B 90 -19.93 -0.63 -18.15
N ASP B 91 -21.15 -0.84 -17.68
CA ASP B 91 -21.43 -0.83 -16.24
C ASP B 91 -20.67 -1.96 -15.54
N GLU B 92 -20.37 -1.74 -14.26
CA GLU B 92 -19.58 -2.69 -13.50
C GLU B 92 -20.35 -3.98 -13.23
N THR B 93 -21.67 -3.88 -13.12
CA THR B 93 -22.49 -5.07 -12.90
C THR B 93 -22.37 -6.03 -14.06
N ALA B 94 -22.29 -5.49 -15.29
CA ALA B 94 -22.10 -6.35 -16.46
C ALA B 94 -20.78 -7.09 -16.40
N MET B 95 -19.69 -6.41 -16.02
CA MET B 95 -18.40 -7.08 -15.88
C MET B 95 -18.45 -8.14 -14.78
N LEU B 96 -19.17 -7.85 -13.70
CA LEU B 96 -19.25 -8.82 -12.61
C LEU B 96 -20.04 -10.06 -13.02
N GLU B 97 -21.12 -9.89 -13.77
CA GLU B 97 -21.93 -11.04 -14.19
C GLU B 97 -21.34 -11.77 -15.40
N LYS B 98 -20.53 -11.10 -16.21
CA LYS B 98 -19.95 -11.68 -17.41
C LYS B 98 -18.54 -12.21 -17.19
N LEU B 99 -17.72 -11.51 -16.41
CA LEU B 99 -16.33 -11.88 -16.20
C LEU B 99 -15.97 -12.07 -14.74
N LYS B 100 -16.93 -11.97 -13.83
CA LYS B 100 -16.77 -12.28 -12.40
C LYS B 100 -15.74 -11.38 -11.72
N VAL B 101 -15.40 -10.24 -12.31
CA VAL B 101 -14.45 -9.30 -11.72
C VAL B 101 -15.00 -7.89 -11.80
N GLY B 102 -14.52 -7.03 -10.91
CA GLY B 102 -14.91 -5.64 -10.92
C GLY B 102 -13.85 -4.72 -10.34
N GLN B 103 -13.44 -3.73 -11.13
CA GLN B 103 -12.40 -2.76 -10.79
C GLN B 103 -11.03 -3.41 -10.64
N GLY B 104 -10.98 -4.74 -10.69
CA GLY B 104 -9.73 -5.43 -10.91
C GLY B 104 -9.78 -5.94 -12.34
N CYS B 105 -9.13 -5.23 -13.26
CA CYS B 105 -9.25 -5.54 -14.68
C CYS B 105 -8.29 -6.66 -15.04
N ALA B 106 -8.59 -7.84 -14.50
CA ALA B 106 -7.87 -9.05 -14.85
C ALA B 106 -8.48 -9.65 -16.10
N THR B 107 -8.65 -8.83 -17.13
CA THR B 107 -9.51 -9.16 -18.24
C THR B 107 -9.01 -10.33 -19.09
N PRO B 108 -7.70 -10.45 -19.38
CA PRO B 108 -7.28 -11.63 -20.15
C PRO B 108 -7.35 -12.90 -19.34
N LEU B 109 -7.17 -12.82 -18.02
CA LEU B 109 -7.22 -13.98 -17.15
C LEU B 109 -8.60 -14.22 -16.55
N SER B 110 -9.57 -13.37 -16.84
CA SER B 110 -10.93 -13.54 -16.31
C SER B 110 -11.96 -13.77 -17.40
N LEU B 111 -11.54 -13.96 -18.65
CA LEU B 111 -12.46 -14.23 -19.75
C LEU B 111 -12.80 -15.70 -19.88
N PHE B 112 -12.29 -16.56 -18.99
CA PHE B 112 -12.57 -17.98 -19.10
C PHE B 112 -14.01 -18.34 -18.73
N CYS B 113 -14.79 -17.39 -18.22
CA CYS B 113 -16.19 -17.62 -17.90
C CYS B 113 -17.07 -17.41 -19.12
N ASP B 114 -16.98 -16.25 -19.75
CA ASP B 114 -17.75 -15.97 -20.94
C ASP B 114 -17.27 -16.88 -22.08
N ASP B 115 -18.20 -17.62 -22.68
CA ASP B 115 -17.83 -18.53 -23.75
C ASP B 115 -17.97 -17.92 -25.14
N GLY B 116 -19.05 -17.19 -25.40
CA GLY B 116 -19.27 -16.64 -26.72
C GLY B 116 -19.96 -15.28 -26.75
N ASP B 117 -20.08 -14.63 -25.60
CA ASP B 117 -20.81 -13.37 -25.50
C ASP B 117 -19.92 -12.15 -25.37
N VAL B 118 -18.61 -12.34 -25.26
CA VAL B 118 -17.66 -11.24 -25.13
C VAL B 118 -16.54 -11.46 -26.12
N LYS B 119 -16.35 -10.50 -27.04
CA LYS B 119 -15.23 -10.56 -27.95
C LYS B 119 -13.99 -9.98 -27.26
N PHE B 120 -12.82 -10.31 -27.81
CA PHE B 120 -11.54 -9.96 -27.20
C PHE B 120 -10.71 -9.17 -28.20
N VAL B 121 -10.30 -7.97 -27.82
CA VAL B 121 -9.41 -7.13 -28.60
C VAL B 121 -8.08 -7.06 -27.87
N LEU B 122 -6.99 -7.30 -28.58
CA LEU B 122 -5.67 -7.37 -27.98
C LEU B 122 -4.72 -6.47 -28.75
N ASP B 123 -3.95 -5.67 -28.01
CA ASP B 123 -2.90 -4.86 -28.63
C ASP B 123 -1.82 -5.78 -29.19
N SER B 124 -1.24 -5.38 -30.31
CA SER B 124 -0.23 -6.21 -30.96
C SER B 124 1.09 -6.17 -30.19
N ALA B 125 1.35 -5.09 -29.45
CA ALA B 125 2.62 -4.91 -28.76
C ALA B 125 2.84 -5.90 -27.63
N PHE B 126 1.85 -6.71 -27.27
CA PHE B 126 2.09 -7.76 -26.28
C PHE B 126 2.85 -8.94 -26.86
N LEU B 127 2.68 -9.21 -28.15
CA LEU B 127 3.38 -10.32 -28.79
C LEU B 127 4.69 -9.90 -29.44
N GLU B 128 4.80 -8.63 -29.87
CA GLU B 128 6.02 -8.09 -30.43
C GLU B 128 6.72 -7.18 -29.42
N GLY B 129 8.05 -7.19 -29.44
CA GLY B 129 8.79 -6.33 -28.55
C GLY B 129 9.74 -7.07 -27.62
N GLY B 130 10.70 -6.33 -27.06
CA GLY B 130 11.70 -6.94 -26.20
C GLY B 130 11.28 -6.99 -24.74
N HIS B 131 10.20 -7.70 -24.47
CA HIS B 131 9.74 -7.98 -23.11
C HIS B 131 9.50 -9.48 -23.01
N GLU B 132 10.15 -10.11 -22.03
CA GLU B 132 10.16 -11.57 -21.99
C GLU B 132 8.78 -12.13 -21.60
N LYS B 133 8.07 -11.46 -20.70
CA LYS B 133 6.78 -11.92 -20.23
C LYS B 133 5.86 -10.71 -20.07
N VAL B 134 4.56 -10.98 -20.11
CA VAL B 134 3.54 -9.96 -19.88
C VAL B 134 2.84 -10.26 -18.57
N TYR B 135 2.27 -9.20 -17.98
CA TYR B 135 1.74 -9.22 -16.63
C TYR B 135 0.26 -8.83 -16.63
N PHE B 136 -0.53 -9.59 -15.88
CA PHE B 136 -1.95 -9.29 -15.69
C PHE B 136 -2.36 -9.68 -14.29
N HIS B 137 -3.50 -9.16 -13.86
CA HIS B 137 -4.02 -9.52 -12.55
C HIS B 137 -4.60 -10.94 -12.59
N PRO B 138 -4.40 -11.74 -11.54
CA PRO B 138 -5.07 -13.06 -11.46
C PRO B 138 -6.43 -12.97 -10.78
N MET B 139 -7.32 -12.16 -11.35
CA MET B 139 -8.67 -11.95 -10.82
C MET B 139 -8.65 -11.39 -9.40
N THR B 140 -7.60 -10.65 -9.07
CA THR B 140 -7.48 -9.99 -7.77
C THR B 140 -6.39 -8.94 -7.87
N ASN B 141 -6.51 -7.90 -7.04
CA ASN B 141 -5.50 -6.85 -6.98
C ASN B 141 -4.33 -7.20 -6.08
N ALA B 142 -4.40 -8.32 -5.35
CA ALA B 142 -3.38 -8.68 -4.38
C ALA B 142 -2.16 -9.33 -5.00
N ALA B 143 -2.08 -9.42 -6.32
CA ALA B 143 -0.94 -10.05 -6.98
C ALA B 143 -0.93 -9.67 -8.45
N THR B 144 0.19 -9.96 -9.09
CA THR B 144 0.33 -9.85 -10.53
C THR B 144 1.01 -11.11 -11.06
N MET B 145 0.41 -11.72 -12.07
CA MET B 145 0.90 -12.94 -12.70
C MET B 145 1.54 -12.60 -14.03
N GLY B 146 2.74 -13.12 -14.26
CA GLY B 146 3.46 -12.91 -15.51
C GLY B 146 3.69 -14.22 -16.25
N LEU B 147 3.58 -14.16 -17.56
CA LEU B 147 3.68 -15.36 -18.39
C LEU B 147 4.08 -14.98 -19.81
N SER B 148 4.52 -15.98 -20.57
CA SER B 148 5.00 -15.75 -21.92
C SER B 148 3.85 -15.25 -22.81
N PRO B 149 4.13 -14.33 -23.74
CA PRO B 149 3.07 -13.87 -24.63
C PRO B 149 2.49 -14.96 -25.50
N GLU B 150 3.31 -15.92 -25.93
CA GLU B 150 2.79 -17.03 -26.73
C GLU B 150 1.95 -17.97 -25.89
N ASP B 151 2.38 -18.26 -24.66
CA ASP B 151 1.54 -19.04 -23.77
C ASP B 151 0.25 -18.31 -23.42
N PHE B 152 0.31 -16.97 -23.33
CA PHE B 152 -0.89 -16.19 -23.11
C PHE B 152 -1.84 -16.28 -24.29
N LEU B 153 -1.29 -16.25 -25.51
CA LEU B 153 -2.12 -16.45 -26.70
C LEU B 153 -2.74 -17.83 -26.71
N ILE B 154 -1.96 -18.87 -26.35
CA ILE B 154 -2.51 -20.21 -26.25
C ILE B 154 -3.66 -20.25 -25.25
N PHE B 155 -3.50 -19.56 -24.12
CA PHE B 155 -4.56 -19.55 -23.11
C PHE B 155 -5.82 -18.88 -23.64
N VAL B 156 -5.69 -17.69 -24.22
CA VAL B 156 -6.88 -16.96 -24.67
C VAL B 156 -7.54 -17.68 -25.84
N LYS B 157 -6.77 -18.44 -26.63
CA LYS B 157 -7.38 -19.24 -27.67
C LYS B 157 -8.05 -20.48 -27.10
N ALA B 158 -7.57 -20.97 -25.96
CA ALA B 158 -8.19 -22.12 -25.30
C ALA B 158 -9.50 -21.77 -24.59
N THR B 159 -9.78 -20.49 -24.37
CA THR B 159 -11.02 -20.07 -23.73
C THR B 159 -12.16 -19.85 -24.71
N GLY B 160 -11.91 -19.97 -26.01
CA GLY B 160 -12.92 -19.73 -27.01
C GLY B 160 -12.97 -18.32 -27.56
N HIS B 161 -11.96 -17.50 -27.28
CA HIS B 161 -11.91 -16.12 -27.75
C HIS B 161 -10.75 -16.00 -28.74
N ASP B 162 -11.05 -16.17 -30.01
CA ASP B 162 -10.07 -15.88 -31.03
C ASP B 162 -9.89 -14.37 -31.08
N PRO B 163 -8.77 -13.82 -30.61
CA PRO B 163 -8.67 -12.36 -30.49
C PRO B 163 -8.56 -11.70 -31.86
N ILE B 164 -8.72 -10.39 -31.86
CA ILE B 164 -8.53 -9.57 -33.05
C ILE B 164 -7.36 -8.65 -32.75
N ILE B 165 -6.16 -9.09 -33.13
CA ILE B 165 -4.95 -8.32 -32.89
C ILE B 165 -4.92 -7.12 -33.83
N LEU B 166 -4.70 -5.93 -33.26
CA LEU B 166 -4.58 -4.72 -34.05
C LEU B 166 -3.43 -3.88 -33.53
N ASN B 167 -2.78 -3.15 -34.43
CA ASN B 167 -1.61 -2.36 -34.10
C ASN B 167 -1.98 -0.89 -33.96
N PHE B 168 -1.31 -0.22 -33.02
CA PHE B 168 -1.48 1.20 -32.81
C PHE B 168 -0.36 2.03 -33.43
N ASP B 169 0.81 1.44 -33.64
CA ASP B 169 1.95 2.15 -34.20
C ASP B 169 1.80 2.34 -35.72
N LEU C 6 9.46 -3.10 9.92
CA LEU C 6 8.90 -3.65 8.71
C LEU C 6 9.78 -4.78 8.18
N ARG C 7 9.31 -5.45 7.13
CA ARG C 7 10.03 -6.61 6.60
C ARG C 7 11.40 -6.24 6.04
N ALA C 8 11.52 -5.05 5.45
CA ALA C 8 12.81 -4.64 4.90
C ALA C 8 13.85 -4.48 5.99
N GLU C 9 13.47 -3.88 7.13
CA GLU C 9 14.39 -3.74 8.25
C GLU C 9 14.76 -5.09 8.83
N LEU C 10 13.79 -6.02 8.86
CA LEU C 10 14.05 -7.36 9.38
C LEU C 10 15.09 -8.08 8.52
N GLU C 11 14.90 -8.07 7.20
CA GLU C 11 15.88 -8.68 6.33
C GLU C 11 17.22 -7.97 6.38
N GLN C 12 17.23 -6.65 6.55
CA GLN C 12 18.50 -5.93 6.67
C GLN C 12 19.27 -6.38 7.90
N ARG C 13 18.57 -6.54 9.04
CA ARG C 13 19.25 -6.97 10.25
C ARG C 13 19.66 -8.43 10.18
N LEU C 14 18.89 -9.28 9.48
CA LEU C 14 19.32 -10.66 9.30
C LEU C 14 20.56 -10.75 8.40
N GLY C 15 20.58 -9.97 7.32
CA GLY C 15 21.74 -9.94 6.46
C GLY C 15 22.97 -9.39 7.15
N ALA C 16 22.78 -8.43 8.06
CA ALA C 16 23.90 -7.93 8.85
C ALA C 16 24.46 -9.00 9.77
N LEU C 17 23.63 -9.94 10.22
CA LEU C 17 24.05 -11.03 11.08
C LEU C 17 24.48 -12.27 10.31
N ALA C 18 24.50 -12.22 8.97
CA ALA C 18 24.94 -13.32 8.12
C ALA C 18 24.11 -14.58 8.37
N ILE C 19 22.79 -14.42 8.28
CA ILE C 19 21.85 -15.52 8.46
C ILE C 19 21.13 -15.74 7.13
N ARG C 20 21.38 -16.89 6.50
CA ARG C 20 20.70 -17.21 5.26
C ARG C 20 19.32 -17.79 5.56
N THR C 21 18.33 -17.32 4.81
CA THR C 21 16.94 -17.67 5.06
C THR C 21 16.33 -18.30 3.81
N GLU C 22 15.06 -18.69 3.95
CA GLU C 22 14.29 -19.25 2.85
C GLU C 22 12.92 -18.61 2.87
N VAL C 23 12.57 -17.86 1.83
CA VAL C 23 11.33 -17.11 1.79
C VAL C 23 10.42 -17.73 0.76
N VAL C 24 9.20 -18.06 1.16
CA VAL C 24 8.16 -18.51 0.24
C VAL C 24 7.00 -17.53 0.35
N GLU C 25 6.57 -16.98 -0.79
CA GLU C 25 5.59 -15.91 -0.78
C GLU C 25 4.19 -16.49 -0.64
N HIS C 26 3.49 -16.10 0.43
CA HIS C 26 2.13 -16.52 0.69
C HIS C 26 1.16 -15.46 0.12
N PRO C 27 -0.10 -15.54 0.51
CA PRO C 27 -1.12 -14.59 0.08
C PRO C 27 -2.05 -14.35 1.27
N GLU C 28 -3.28 -13.95 0.99
CA GLU C 28 -4.29 -13.81 2.03
C GLU C 28 -4.77 -15.19 2.44
N VAL C 29 -5.87 -15.25 3.19
CA VAL C 29 -6.38 -16.50 3.72
C VAL C 29 -6.45 -17.58 2.63
N PHE C 30 -5.61 -18.59 2.77
CA PHE C 30 -5.51 -19.66 1.79
C PHE C 30 -6.61 -20.70 1.96
N THR C 31 -7.04 -21.27 0.84
CA THR C 31 -7.97 -22.40 0.86
C THR C 31 -7.31 -23.60 1.55
N ILE C 32 -8.13 -24.60 1.88
CA ILE C 32 -7.59 -25.75 2.61
C ILE C 32 -6.65 -26.60 1.76
N GLU C 33 -6.84 -26.60 0.43
CA GLU C 33 -5.92 -27.36 -0.41
C GLU C 33 -4.61 -26.61 -0.59
N GLU C 34 -4.68 -25.29 -0.80
CA GLU C 34 -3.47 -24.49 -0.91
C GLU C 34 -2.71 -24.47 0.40
N MET C 35 -3.44 -24.49 1.52
CA MET C 35 -2.75 -24.46 2.80
C MET C 35 -2.19 -25.82 3.16
N MET C 36 -2.82 -26.92 2.73
CA MET C 36 -2.24 -28.22 2.96
C MET C 36 -0.97 -28.38 2.12
N PRO C 37 -1.02 -27.88 0.88
CA PRO C 37 0.14 -27.97 -0.01
C PRO C 37 1.30 -27.15 0.53
N HIS C 38 1.02 -25.97 1.08
CA HIS C 38 2.11 -25.16 1.62
C HIS C 38 2.54 -25.59 3.01
N ILE C 39 1.67 -26.28 3.75
CA ILE C 39 2.00 -26.80 5.07
C ILE C 39 2.70 -28.15 4.99
N GLN C 40 2.76 -28.75 3.79
CA GLN C 40 3.46 -30.01 3.61
C GLN C 40 4.57 -29.93 2.56
N HIS C 41 4.71 -28.80 1.87
CA HIS C 41 5.92 -28.54 1.11
C HIS C 41 7.04 -28.05 2.02
N LEU C 42 6.72 -27.10 2.89
CA LEU C 42 7.70 -26.56 3.85
C LEU C 42 7.94 -27.60 4.94
N LYS C 43 9.07 -28.31 4.82
CA LYS C 43 9.40 -29.39 5.76
C LYS C 43 10.16 -28.80 6.93
N GLY C 44 9.56 -28.85 8.12
CA GLY C 44 10.23 -28.37 9.31
C GLY C 44 9.34 -28.34 10.54
N ALA C 45 9.42 -27.25 11.31
CA ALA C 45 8.66 -27.08 12.53
C ALA C 45 7.85 -25.79 12.45
N HIS C 46 6.53 -25.91 12.43
CA HIS C 46 5.67 -24.74 12.50
C HIS C 46 5.30 -24.48 13.96
N SER C 47 4.61 -23.37 14.19
CA SER C 47 4.50 -22.87 15.55
C SER C 47 3.15 -22.23 15.82
N LYS C 48 2.85 -22.12 17.12
CA LYS C 48 1.80 -21.26 17.64
C LYS C 48 2.50 -20.13 18.39
N ASN C 49 2.14 -18.90 18.05
CA ASN C 49 2.74 -17.73 18.66
C ASN C 49 1.67 -17.05 19.51
N LEU C 50 2.05 -16.68 20.73
CA LEU C 50 1.11 -16.07 21.67
C LEU C 50 1.70 -14.79 22.22
N PHE C 51 0.88 -13.74 22.28
CA PHE C 51 1.27 -12.48 22.91
C PHE C 51 0.41 -12.35 24.15
N LEU C 52 1.05 -12.40 25.32
CA LEU C 52 0.35 -12.48 26.60
C LEU C 52 0.66 -11.25 27.43
N LYS C 53 -0.16 -11.04 28.46
CA LYS C 53 -0.05 -9.89 29.33
C LYS C 53 -0.27 -10.35 30.77
N ASP C 54 0.41 -9.69 31.69
CA ASP C 54 0.33 -9.99 33.11
C ASP C 54 -0.71 -9.11 33.79
N LYS C 55 -1.49 -9.71 34.70
CA LYS C 55 -2.59 -9.01 35.36
C LYS C 55 -2.15 -7.68 35.99
N LYS C 56 -1.00 -7.67 36.67
CA LYS C 56 -0.48 -6.43 37.24
C LYS C 56 0.55 -5.78 36.32
N LYS C 57 0.42 -6.02 35.01
CA LYS C 57 1.22 -5.37 33.98
C LYS C 57 2.71 -5.36 34.32
N LYS C 58 3.22 -6.50 34.75
CA LYS C 58 4.67 -6.63 34.97
C LYS C 58 5.43 -6.35 33.67
N ASN C 59 4.97 -6.96 32.57
CA ASN C 59 5.56 -6.78 31.25
C ASN C 59 4.75 -7.58 30.25
N TYR C 60 4.97 -7.38 28.95
CA TYR C 60 4.29 -8.20 27.97
C TYR C 60 5.18 -9.40 27.69
N TRP C 61 4.54 -10.54 27.46
CA TRP C 61 5.27 -11.76 27.17
C TRP C 61 4.99 -12.22 25.75
N LEU C 62 5.98 -12.84 25.16
CA LEU C 62 5.88 -13.39 23.81
C LEU C 62 6.27 -14.85 23.96
N VAL C 63 5.42 -15.74 23.49
CA VAL C 63 5.66 -17.19 23.62
C VAL C 63 5.62 -17.81 22.23
N THR C 64 6.55 -18.73 21.98
CA THR C 64 6.62 -19.44 20.71
C THR C 64 6.68 -20.93 21.01
N VAL C 65 5.60 -21.65 20.68
CA VAL C 65 5.52 -23.08 20.95
C VAL C 65 5.25 -23.81 19.64
N LEU C 66 5.32 -25.13 19.70
CA LEU C 66 5.05 -25.93 18.50
C LEU C 66 3.58 -25.82 18.10
N HIS C 67 3.31 -26.12 16.83
CA HIS C 67 1.97 -25.92 16.29
C HIS C 67 0.96 -26.86 16.93
N ASP C 68 1.41 -28.02 17.41
CA ASP C 68 0.53 -29.00 18.05
C ASP C 68 0.66 -29.01 19.57
N ARG C 69 1.34 -28.02 20.14
CA ARG C 69 1.59 -28.01 21.58
C ARG C 69 0.32 -27.61 22.34
N GLN C 70 -0.21 -28.54 23.12
CA GLN C 70 -1.27 -28.21 24.05
C GLN C 70 -0.75 -27.29 25.15
N ILE C 71 -1.56 -26.31 25.54
CA ILE C 71 -1.09 -25.28 26.46
C ILE C 71 -2.26 -24.74 27.27
N ASN C 72 -2.06 -24.65 28.58
CA ASN C 72 -2.98 -23.98 29.50
C ASN C 72 -2.32 -22.70 29.97
N LEU C 73 -3.06 -21.59 29.92
CA LEU C 73 -2.46 -20.29 30.18
C LEU C 73 -2.01 -20.15 31.63
N ASN C 74 -2.89 -20.45 32.58
CA ASN C 74 -2.54 -20.29 33.99
C ASN C 74 -1.50 -21.29 34.44
N ASP C 75 -1.50 -22.50 33.88
CA ASP C 75 -0.51 -23.50 34.26
C ASP C 75 0.89 -23.05 33.87
N LEU C 76 1.05 -22.47 32.68
CA LEU C 76 2.34 -21.91 32.28
C LEU C 76 2.68 -20.69 33.11
N GLY C 77 1.69 -19.84 33.37
CA GLY C 77 1.93 -18.66 34.19
C GLY C 77 2.43 -19.01 35.58
N LYS C 78 1.93 -20.10 36.16
CA LYS C 78 2.41 -20.52 37.47
C LYS C 78 3.88 -20.87 37.43
N GLN C 79 4.34 -21.51 36.34
CA GLN C 79 5.76 -21.77 36.20
C GLN C 79 6.54 -20.48 36.00
N LEU C 80 5.92 -19.47 35.39
CA LEU C 80 6.62 -18.22 35.10
C LEU C 80 6.31 -17.14 36.12
N GLY C 81 5.03 -16.79 36.30
CA GLY C 81 4.67 -15.66 37.13
C GLY C 81 3.48 -15.92 38.02
N ASN C 86 -2.49 -14.85 36.65
CA ASN C 86 -2.30 -13.46 36.27
C ASN C 86 -2.07 -13.32 34.77
N LEU C 87 -1.87 -14.44 34.11
CA LEU C 87 -1.60 -14.46 32.67
C LEU C 87 -2.92 -14.47 31.90
N ARG C 88 -3.09 -13.49 31.01
CA ARG C 88 -4.28 -13.38 30.16
C ARG C 88 -3.83 -13.12 28.73
N PHE C 89 -4.75 -13.32 27.79
CA PHE C 89 -4.48 -13.00 26.40
C PHE C 89 -4.33 -11.49 26.25
N ALA C 90 -3.40 -11.07 25.40
CA ALA C 90 -3.11 -9.65 25.21
C ALA C 90 -3.84 -9.16 23.97
N ASP C 91 -4.56 -8.04 24.11
CA ASP C 91 -5.28 -7.45 23.00
C ASP C 91 -4.29 -7.01 21.90
N GLU C 92 -4.81 -6.94 20.67
CA GLU C 92 -3.95 -6.60 19.54
C GLU C 92 -3.37 -5.21 19.65
N THR C 93 -4.07 -4.29 20.34
CA THR C 93 -3.55 -2.94 20.49
C THR C 93 -2.19 -2.94 21.18
N ALA C 94 -2.03 -3.79 22.20
CA ALA C 94 -0.74 -3.93 22.86
C ALA C 94 0.31 -4.46 21.88
N MET C 95 -0.04 -5.46 21.08
CA MET C 95 0.90 -5.99 20.10
C MET C 95 1.25 -4.96 19.04
N LEU C 96 0.28 -4.14 18.62
CA LEU C 96 0.56 -3.10 17.64
C LEU C 96 1.46 -2.00 18.22
N GLU C 97 1.24 -1.62 19.48
CA GLU C 97 2.04 -0.56 20.05
C GLU C 97 3.43 -1.03 20.49
N LYS C 98 3.59 -2.32 20.78
CA LYS C 98 4.88 -2.84 21.20
C LYS C 98 5.66 -3.52 20.08
N LEU C 99 4.98 -4.25 19.20
CA LEU C 99 5.65 -4.98 18.12
C LEU C 99 5.15 -4.63 16.73
N LYS C 100 4.22 -3.67 16.60
CA LYS C 100 3.77 -3.11 15.34
C LYS C 100 3.14 -4.15 14.40
N VAL C 101 2.66 -5.27 14.92
CA VAL C 101 2.03 -6.30 14.09
C VAL C 101 0.69 -6.67 14.70
N GLY C 102 -0.23 -7.14 13.84
CA GLY C 102 -1.54 -7.53 14.29
C GLY C 102 -2.21 -8.60 13.44
N GLN C 103 -2.64 -9.67 14.09
CA GLN C 103 -3.27 -10.84 13.46
C GLN C 103 -2.30 -11.62 12.61
N GLY C 104 -1.10 -11.07 12.40
CA GLY C 104 0.01 -11.82 11.89
C GLY C 104 1.02 -12.04 13.00
N CYS C 105 1.02 -13.23 13.60
CA CYS C 105 1.85 -13.48 14.77
C CYS C 105 3.27 -13.83 14.32
N ALA C 106 3.93 -12.84 13.73
CA ALA C 106 5.34 -12.96 13.36
C ALA C 106 6.19 -12.61 14.57
N THR C 107 5.90 -13.27 15.69
CA THR C 107 6.39 -12.86 16.99
C THR C 107 7.91 -13.01 17.17
N PRO C 108 8.55 -14.09 16.71
CA PRO C 108 10.00 -14.21 16.93
C PRO C 108 10.81 -13.23 16.10
N LEU C 109 10.32 -12.84 14.93
CA LEU C 109 11.03 -11.96 14.02
C LEU C 109 10.69 -10.50 14.25
N SER C 110 9.89 -10.17 15.26
CA SER C 110 9.47 -8.81 15.54
C SER C 110 10.01 -8.24 16.85
N LEU C 111 10.94 -8.91 17.52
CA LEU C 111 11.47 -8.39 18.77
C LEU C 111 12.58 -7.39 18.58
N PHE C 112 12.96 -7.06 17.35
CA PHE C 112 14.05 -6.09 17.19
C PHE C 112 13.62 -4.66 17.51
N CYS C 113 12.32 -4.44 17.70
CA CYS C 113 11.79 -3.12 18.03
C CYS C 113 11.77 -2.86 19.54
N ASP C 114 11.13 -3.75 20.30
CA ASP C 114 11.05 -3.61 21.74
C ASP C 114 12.43 -3.75 22.37
N ASP C 115 12.80 -2.79 23.21
CA ASP C 115 14.12 -2.82 23.83
C ASP C 115 14.12 -3.53 25.18
N GLY C 116 13.13 -3.26 26.03
CA GLY C 116 13.11 -3.88 27.34
C GLY C 116 11.74 -4.20 27.93
N ASP C 117 10.69 -4.10 27.11
CA ASP C 117 9.32 -4.25 27.61
C ASP C 117 8.65 -5.56 27.24
N VAL C 118 9.29 -6.43 26.45
CA VAL C 118 8.69 -7.69 26.04
C VAL C 118 9.67 -8.82 26.30
N LYS C 119 9.28 -9.75 27.15
CA LYS C 119 10.09 -10.95 27.39
C LYS C 119 9.76 -12.04 26.36
N PHE C 120 10.68 -13.00 26.24
CA PHE C 120 10.62 -14.04 25.22
C PHE C 120 10.69 -15.41 25.86
N VAL C 121 9.65 -16.23 25.62
CA VAL C 121 9.59 -17.62 26.03
C VAL C 121 9.60 -18.48 24.77
N LEU C 122 10.46 -19.50 24.77
CA LEU C 122 10.65 -20.34 23.60
C LEU C 122 10.50 -21.80 24.02
N ASP C 123 9.74 -22.56 23.23
CA ASP C 123 9.62 -23.99 23.45
C ASP C 123 10.96 -24.65 23.20
N SER C 124 11.26 -25.69 23.98
CA SER C 124 12.54 -26.38 23.82
C SER C 124 12.55 -27.22 22.55
N ALA C 125 11.37 -27.66 22.10
CA ALA C 125 11.29 -28.54 20.93
C ALA C 125 11.69 -27.86 19.64
N PHE C 126 11.91 -26.54 19.64
CA PHE C 126 12.44 -25.89 18.46
C PHE C 126 13.93 -26.11 18.31
N LEU C 127 14.65 -26.27 19.42
CA LEU C 127 16.08 -26.50 19.40
C LEU C 127 16.44 -27.98 19.40
N GLU C 128 15.58 -28.83 19.97
CA GLU C 128 15.79 -30.27 19.97
C GLU C 128 14.86 -30.93 18.95
N GLY C 129 15.36 -31.99 18.32
CA GLY C 129 14.55 -32.72 17.37
C GLY C 129 15.13 -32.77 15.97
N GLY C 130 14.67 -33.71 15.15
CA GLY C 130 15.22 -33.86 13.82
C GLY C 130 14.51 -33.04 12.77
N HIS C 131 14.51 -31.71 12.95
CA HIS C 131 14.01 -30.78 11.95
C HIS C 131 15.06 -29.70 11.74
N GLU C 132 15.50 -29.54 10.50
CA GLU C 132 16.65 -28.68 10.22
C GLU C 132 16.31 -27.20 10.35
N LYS C 133 15.09 -26.79 10.02
CA LYS C 133 14.71 -25.39 10.05
C LYS C 133 13.32 -25.23 10.66
N VAL C 134 13.09 -24.03 11.21
CA VAL C 134 11.80 -23.62 11.72
C VAL C 134 11.30 -22.46 10.86
N TYR C 135 9.98 -22.27 10.85
CA TYR C 135 9.30 -21.37 9.95
C TYR C 135 8.53 -20.32 10.75
N PHE C 136 8.65 -19.05 10.35
CA PHE C 136 7.88 -17.98 10.97
C PHE C 136 7.55 -16.94 9.92
N HIS C 137 6.55 -16.12 10.20
CA HIS C 137 6.22 -15.04 9.28
C HIS C 137 7.24 -13.91 9.40
N PRO C 138 7.63 -13.29 8.29
CA PRO C 138 8.53 -12.12 8.34
C PRO C 138 7.75 -10.80 8.45
N MET C 139 6.99 -10.66 9.53
CA MET C 139 6.19 -9.47 9.82
C MET C 139 5.15 -9.19 8.73
N THR C 140 4.65 -10.24 8.09
CA THR C 140 3.59 -10.11 7.11
C THR C 140 2.97 -11.48 6.85
N ASN C 141 1.71 -11.47 6.45
CA ASN C 141 1.01 -12.70 6.10
C ASN C 141 1.27 -13.13 4.66
N ALA C 142 1.92 -12.29 3.85
CA ALA C 142 2.12 -12.57 2.44
C ALA C 142 3.33 -13.46 2.18
N ALA C 143 4.00 -13.94 3.21
CA ALA C 143 5.16 -14.82 3.01
C ALA C 143 5.48 -15.49 4.33
N THR C 144 6.33 -16.51 4.25
CA THR C 144 6.91 -17.15 5.42
C THR C 144 8.39 -17.38 5.18
N MET C 145 9.19 -16.99 6.18
CA MET C 145 10.63 -17.16 6.17
C MET C 145 11.01 -18.32 7.08
N GLY C 146 11.84 -19.22 6.56
CA GLY C 146 12.32 -20.36 7.31
C GLY C 146 13.83 -20.28 7.48
N LEU C 147 14.30 -20.67 8.66
CA LEU C 147 15.71 -20.54 9.00
C LEU C 147 16.05 -21.53 10.10
N SER C 148 17.35 -21.75 10.29
CA SER C 148 17.81 -22.70 11.28
C SER C 148 17.40 -22.25 12.68
N PRO C 149 17.04 -23.17 13.57
CA PRO C 149 16.69 -22.76 14.94
C PRO C 149 17.86 -22.12 15.66
N GLU C 150 19.08 -22.56 15.38
CA GLU C 150 20.25 -21.95 16.00
C GLU C 150 20.47 -20.53 15.50
N ASP C 151 20.30 -20.31 14.19
CA ASP C 151 20.38 -18.94 13.68
C ASP C 151 19.25 -18.07 14.22
N PHE C 152 18.07 -18.65 14.46
CA PHE C 152 16.98 -17.91 15.07
C PHE C 152 17.33 -17.53 16.51
N LEU C 153 17.96 -18.44 17.24
CA LEU C 153 18.44 -18.12 18.58
C LEU C 153 19.49 -17.02 18.55
N ILE C 154 20.41 -17.09 17.59
CA ILE C 154 21.40 -16.02 17.41
C ILE C 154 20.71 -14.69 17.19
N PHE C 155 19.67 -14.67 16.35
CA PHE C 155 18.96 -13.43 16.07
C PHE C 155 18.29 -12.88 17.33
N VAL C 156 17.52 -13.71 18.03
CA VAL C 156 16.79 -13.21 19.19
C VAL C 156 17.73 -12.80 20.31
N LYS C 157 18.91 -13.43 20.40
CA LYS C 157 19.88 -13.00 21.38
C LYS C 157 20.58 -11.71 20.94
N ALA C 158 20.68 -11.48 19.63
CA ALA C 158 21.28 -10.26 19.11
C ALA C 158 20.38 -9.05 19.25
N THR C 159 19.09 -9.23 19.53
CA THR C 159 18.16 -8.13 19.71
C THR C 159 18.11 -7.61 21.14
N GLY C 160 18.82 -8.26 22.07
CA GLY C 160 18.79 -7.86 23.47
C GLY C 160 17.78 -8.58 24.32
N HIS C 161 17.21 -9.67 23.83
CA HIS C 161 16.18 -10.44 24.54
C HIS C 161 16.78 -11.81 24.88
N ASP C 162 17.31 -11.93 26.09
CA ASP C 162 17.76 -13.20 26.61
C ASP C 162 16.56 -14.10 26.87
N PRO C 163 16.33 -15.14 26.05
CA PRO C 163 15.09 -15.92 26.18
C PRO C 163 15.12 -16.79 27.44
N ILE C 164 13.94 -17.32 27.77
CA ILE C 164 13.80 -18.29 28.85
C ILE C 164 13.24 -19.56 28.22
N ILE C 165 14.14 -20.47 27.83
CA ILE C 165 13.71 -21.73 27.23
C ILE C 165 13.15 -22.64 28.31
N LEU C 166 11.96 -23.18 28.07
CA LEU C 166 11.33 -24.12 28.99
C LEU C 166 10.76 -25.29 28.21
N ASN C 167 10.75 -26.46 28.86
CA ASN C 167 10.30 -27.70 28.23
C ASN C 167 8.87 -28.02 28.63
N PHE C 168 8.10 -28.57 27.69
CA PHE C 168 6.73 -28.95 27.93
C PHE C 168 6.54 -30.44 28.17
N ASP C 169 7.43 -31.28 27.65
CA ASP C 169 7.31 -32.72 27.83
C ASP C 169 7.73 -33.15 29.23
N LEU D 6 -10.51 3.05 -8.74
CA LEU D 6 -9.18 3.48 -8.36
C LEU D 6 -8.68 4.54 -9.34
N ARG D 7 -7.52 5.13 -9.03
CA ARG D 7 -6.99 6.21 -9.86
C ARG D 7 -6.63 5.72 -11.25
N ALA D 8 -6.16 4.48 -11.37
CA ALA D 8 -5.81 3.94 -12.68
C ALA D 8 -7.03 3.85 -13.59
N GLU D 9 -8.17 3.44 -13.03
CA GLU D 9 -9.40 3.38 -13.82
C GLU D 9 -9.85 4.77 -14.24
N LEU D 10 -9.68 5.77 -13.37
CA LEU D 10 -10.06 7.13 -13.73
C LEU D 10 -9.21 7.66 -14.87
N GLU D 11 -7.88 7.48 -14.79
CA GLU D 11 -7.02 7.91 -15.88
C GLU D 11 -7.34 7.14 -17.16
N GLN D 12 -7.68 5.86 -17.02
CA GLN D 12 -8.03 5.06 -18.19
C GLN D 12 -9.29 5.58 -18.88
N ARG D 13 -10.31 5.93 -18.10
CA ARG D 13 -11.55 6.42 -18.68
C ARG D 13 -11.41 7.83 -19.24
N LEU D 14 -10.57 8.66 -18.62
CA LEU D 14 -10.32 9.98 -19.21
C LEU D 14 -9.49 9.89 -20.49
N GLY D 15 -8.46 9.04 -20.50
CA GLY D 15 -7.68 8.86 -21.71
C GLY D 15 -8.47 8.24 -22.86
N ALA D 16 -9.42 7.36 -22.54
CA ALA D 16 -10.27 6.79 -23.57
C ALA D 16 -11.17 7.86 -24.20
N LEU D 17 -11.53 8.89 -23.43
CA LEU D 17 -12.36 9.98 -23.94
C LEU D 17 -11.53 11.11 -24.54
N ALA D 18 -10.20 10.96 -24.62
CA ALA D 18 -9.32 11.95 -25.24
C ALA D 18 -9.43 13.31 -24.54
N ILE D 19 -9.27 13.30 -23.22
CA ILE D 19 -9.29 14.50 -22.41
C ILE D 19 -7.90 14.69 -21.83
N ARG D 20 -7.20 15.73 -22.29
CA ARG D 20 -5.88 16.04 -21.77
C ARG D 20 -6.00 16.87 -20.50
N THR D 21 -5.28 16.45 -19.46
CA THR D 21 -5.38 17.03 -18.12
C THR D 21 -4.00 17.42 -17.63
N GLU D 22 -3.96 17.99 -16.42
CA GLU D 22 -2.71 18.32 -15.75
C GLU D 22 -2.78 17.89 -14.29
N VAL D 23 -1.90 16.99 -13.89
CA VAL D 23 -1.93 16.40 -12.55
C VAL D 23 -0.72 16.91 -11.78
N VAL D 24 -0.96 17.41 -10.57
CA VAL D 24 0.11 17.83 -9.66
C VAL D 24 0.04 16.96 -8.42
N GLU D 25 1.17 16.35 -8.05
CA GLU D 25 1.22 15.37 -6.97
C GLU D 25 1.34 16.07 -5.63
N HIS D 26 0.39 15.80 -4.73
CA HIS D 26 0.35 16.31 -3.37
C HIS D 26 1.02 15.35 -2.40
N PRO D 27 1.42 15.84 -1.20
CA PRO D 27 1.95 14.95 -0.16
C PRO D 27 0.88 14.52 0.85
N VAL D 29 -2.52 16.21 5.57
CA VAL D 29 -1.13 16.67 5.63
C VAL D 29 -0.94 17.87 4.71
N PHE D 30 -0.78 19.05 5.31
CA PHE D 30 -0.65 20.27 4.53
C PHE D 30 -0.05 21.36 5.41
N THR D 31 1.14 21.84 5.06
CA THR D 31 1.75 22.92 5.81
C THR D 31 1.07 24.23 5.42
N ILE D 32 1.23 25.25 6.27
CA ILE D 32 0.62 26.54 5.97
C ILE D 32 1.12 27.11 4.65
N GLU D 33 2.44 27.31 4.54
CA GLU D 33 2.95 27.90 3.31
C GLU D 33 2.83 26.94 2.13
N GLU D 34 2.81 25.63 2.40
CA GLU D 34 2.63 24.67 1.31
C GLU D 34 1.17 24.61 0.85
N MET D 35 0.24 24.64 1.81
CA MET D 35 -1.18 24.66 1.46
C MET D 35 -1.54 25.93 0.70
N MET D 36 -0.87 27.05 1.02
CA MET D 36 -1.18 28.26 0.29
C MET D 36 -0.45 28.31 -1.05
N PRO D 37 0.74 27.69 -1.14
CA PRO D 37 1.46 27.68 -2.41
C PRO D 37 0.76 26.79 -3.43
N HIS D 38 0.16 25.69 -2.98
CA HIS D 38 -0.52 24.80 -3.91
C HIS D 38 -1.70 25.49 -4.57
N ILE D 39 -2.44 26.30 -3.81
CA ILE D 39 -3.56 27.03 -4.38
C ILE D 39 -3.12 28.30 -5.08
N GLN D 40 -1.95 28.85 -4.74
CA GLN D 40 -1.42 30.02 -5.42
C GLN D 40 -0.70 29.66 -6.71
N HIS D 41 -0.51 28.37 -6.97
CA HIS D 41 0.11 27.91 -8.20
C HIS D 41 -0.75 26.93 -8.98
N LEU D 42 -1.92 26.55 -8.46
CA LEU D 42 -2.90 25.88 -9.30
C LEU D 42 -3.49 26.82 -10.33
N LYS D 43 -3.97 27.98 -9.87
CA LYS D 43 -4.45 29.07 -10.73
C LYS D 43 -5.61 28.61 -11.62
N GLY D 44 -6.71 28.23 -10.96
CA GLY D 44 -7.92 27.86 -11.67
C GLY D 44 -9.15 28.03 -10.80
N ALA D 45 -10.04 27.04 -10.82
CA ALA D 45 -11.27 27.07 -10.03
C ALA D 45 -11.29 25.81 -9.18
N HIS D 46 -11.19 26.00 -7.86
CA HIS D 46 -11.29 24.88 -6.93
C HIS D 46 -12.73 24.77 -6.42
N SER D 47 -12.98 23.69 -5.69
CA SER D 47 -14.35 23.34 -5.34
C SER D 47 -14.39 22.67 -3.98
N LYS D 48 -15.56 22.74 -3.35
CA LYS D 48 -15.90 21.89 -2.22
C LYS D 48 -17.07 21.01 -2.62
N ASN D 49 -16.95 19.74 -2.27
CA ASN D 49 -17.86 18.68 -2.67
C ASN D 49 -18.66 18.20 -1.47
N LEU D 50 -19.96 17.95 -1.68
CA LEU D 50 -20.86 17.50 -0.63
C LEU D 50 -21.55 16.23 -1.13
N PHE D 51 -21.60 15.23 -0.27
CA PHE D 51 -22.30 13.98 -0.58
C PHE D 51 -23.52 13.90 0.32
N LEU D 52 -24.72 14.05 -0.25
CA LEU D 52 -25.91 14.15 0.55
C LEU D 52 -26.86 13.01 0.21
N LYS D 53 -27.81 12.81 1.11
CA LYS D 53 -28.80 11.75 0.97
C LYS D 53 -30.11 12.32 1.48
N ASP D 54 -31.21 11.87 0.87
CA ASP D 54 -32.55 12.28 1.26
C ASP D 54 -32.74 13.79 1.16
N LYS D 57 -35.29 11.41 0.17
CA LYS D 57 -36.04 10.49 1.02
C LYS D 57 -36.09 9.15 0.31
N LYS D 58 -35.42 9.12 -0.85
CA LYS D 58 -35.36 7.96 -1.74
C LYS D 58 -33.95 7.50 -2.08
N ASN D 59 -33.03 8.42 -2.37
CA ASN D 59 -31.77 8.07 -3.02
C ASN D 59 -30.72 9.16 -2.75
N TYR D 60 -29.46 8.82 -3.01
CA TYR D 60 -28.33 9.70 -2.74
C TYR D 60 -27.97 10.58 -3.94
N TRP D 61 -27.49 11.79 -3.64
CA TRP D 61 -26.98 12.64 -4.69
C TRP D 61 -25.77 13.42 -4.19
N LEU D 62 -25.06 13.99 -5.16
CA LEU D 62 -23.76 14.60 -4.98
C LEU D 62 -23.83 16.03 -5.48
N VAL D 63 -23.30 16.97 -4.70
CA VAL D 63 -23.31 18.38 -5.05
C VAL D 63 -21.88 18.86 -5.12
N THR D 64 -21.57 19.68 -6.12
CA THR D 64 -20.23 20.22 -6.32
C THR D 64 -20.33 21.73 -6.47
N VAL D 65 -19.84 22.48 -5.47
CA VAL D 65 -19.94 23.93 -5.48
C VAL D 65 -18.53 24.53 -5.35
N LEU D 66 -18.47 25.84 -5.51
CA LEU D 66 -17.20 26.56 -5.38
C LEU D 66 -16.70 26.49 -3.94
N HIS D 67 -15.38 26.67 -3.80
CA HIS D 67 -14.77 26.49 -2.49
C HIS D 67 -15.22 27.55 -1.48
N ASP D 68 -15.57 28.74 -1.96
CA ASP D 68 -16.01 29.82 -1.08
C ASP D 68 -17.52 30.04 -1.09
N ARG D 69 -18.27 29.12 -1.70
CA ARG D 69 -19.72 29.27 -1.80
C ARG D 69 -20.36 28.93 -0.46
N GLN D 70 -20.95 29.92 0.19
CA GLN D 70 -21.79 29.65 1.35
C GLN D 70 -23.06 28.93 0.88
N ILE D 71 -23.49 27.94 1.66
CA ILE D 71 -24.57 27.06 1.25
C ILE D 71 -25.32 26.59 2.49
N ASN D 72 -26.65 26.63 2.40
CA ASN D 72 -27.52 26.11 3.45
C ASN D 72 -28.16 24.81 2.98
N LEU D 73 -28.08 23.79 3.85
CA LEU D 73 -28.55 22.46 3.47
C LEU D 73 -30.06 22.44 3.29
N ASN D 74 -30.79 23.01 4.25
CA ASN D 74 -32.25 23.01 4.19
C ASN D 74 -32.77 23.84 3.03
N ASP D 75 -32.10 24.94 2.70
CA ASP D 75 -32.54 25.75 1.57
C ASP D 75 -32.37 24.99 0.25
N LEU D 76 -31.25 24.29 0.08
CA LEU D 76 -31.06 23.48 -1.12
C LEU D 76 -32.07 22.34 -1.18
N GLY D 77 -32.31 21.69 -0.03
CA GLY D 77 -33.32 20.64 0.00
C GLY D 77 -34.69 21.15 -0.38
N LYS D 78 -35.04 22.35 0.08
CA LYS D 78 -36.30 22.95 -0.34
C LYS D 78 -36.30 23.25 -1.83
N GLN D 79 -35.14 23.64 -2.37
CA GLN D 79 -35.05 23.87 -3.81
C GLN D 79 -35.29 22.59 -4.60
N LEU D 80 -34.86 21.45 -4.07
CA LEU D 80 -35.02 20.18 -4.77
C LEU D 80 -36.12 19.30 -4.17
N GLY D 81 -36.05 18.96 -2.89
CA GLY D 81 -36.99 18.01 -2.34
C GLY D 81 -37.49 18.37 -0.95
N GLY D 83 -39.75 19.53 0.93
CA GLY D 83 -39.02 20.79 1.01
C GLY D 83 -38.51 21.09 2.41
N SER D 84 -38.80 20.20 3.34
CA SER D 84 -38.38 20.37 4.73
C SER D 84 -36.92 19.99 4.87
N GLY D 85 -36.46 19.85 6.12
CA GLY D 85 -35.08 19.49 6.37
C GLY D 85 -34.80 18.02 6.14
N ASN D 86 -35.25 17.50 4.99
CA ASN D 86 -35.01 16.11 4.65
C ASN D 86 -33.60 15.87 4.13
N LEU D 87 -32.85 16.93 3.85
CA LEU D 87 -31.49 16.80 3.35
C LEU D 87 -30.55 16.66 4.54
N ARG D 88 -29.76 15.59 4.56
CA ARG D 88 -28.84 15.33 5.66
C ARG D 88 -27.46 14.98 5.11
N PHE D 89 -26.46 15.11 5.99
CA PHE D 89 -25.11 14.69 5.66
C PHE D 89 -25.04 13.17 5.57
N ALA D 90 -24.23 12.68 4.65
CA ALA D 90 -24.09 11.25 4.43
C ALA D 90 -22.84 10.72 5.13
N ASP D 91 -22.95 9.53 5.72
CA ASP D 91 -21.80 8.90 6.35
C ASP D 91 -20.74 8.54 5.30
N GLU D 92 -19.50 8.48 5.76
CA GLU D 92 -18.41 8.13 4.85
C GLU D 92 -18.55 6.71 4.33
N THR D 93 -19.18 5.82 5.11
CA THR D 93 -19.40 4.45 4.67
C THR D 93 -20.25 4.40 3.40
N ALA D 94 -21.27 5.25 3.33
CA ALA D 94 -22.10 5.32 2.12
C ALA D 94 -21.27 5.74 0.91
N MET D 95 -20.42 6.75 1.08
CA MET D 95 -19.56 7.18 -0.02
C MET D 95 -18.58 6.08 -0.41
N LEU D 96 -18.08 5.32 0.57
CA LEU D 96 -17.13 4.25 0.27
C LEU D 96 -17.81 3.12 -0.49
N GLU D 97 -19.05 2.78 -0.12
CA GLU D 97 -19.72 1.67 -0.80
C GLU D 97 -20.30 2.08 -2.14
N LYS D 98 -20.62 3.37 -2.33
CA LYS D 98 -21.20 3.84 -3.57
C LYS D 98 -20.19 4.49 -4.51
N LEU D 99 -19.23 5.24 -3.98
CA LEU D 99 -18.26 5.95 -4.80
C LEU D 99 -16.82 5.56 -4.52
N LYS D 100 -16.57 4.60 -3.63
CA LYS D 100 -15.25 4.02 -3.39
C LYS D 100 -14.22 5.03 -2.92
N VAL D 101 -14.64 6.18 -2.37
CA VAL D 101 -13.71 7.18 -1.87
C VAL D 101 -14.16 7.61 -0.48
N GLY D 102 -13.20 8.09 0.31
CA GLY D 102 -13.50 8.56 1.64
C GLY D 102 -12.55 9.63 2.16
N GLN D 103 -13.10 10.78 2.55
CA GLN D 103 -12.37 11.94 3.05
C GLN D 103 -11.52 12.59 1.96
N GLY D 104 -11.42 11.92 0.81
CA GLY D 104 -10.93 12.55 -0.39
C GLY D 104 -12.10 12.74 -1.33
N CYS D 105 -12.63 13.96 -1.40
CA CYS D 105 -13.86 14.20 -2.15
C CYS D 105 -13.54 14.38 -3.63
N ALA D 106 -13.10 13.27 -4.23
CA ALA D 106 -12.89 13.22 -5.68
C ALA D 106 -14.22 12.91 -6.33
N THR D 107 -15.24 13.67 -5.99
CA THR D 107 -16.64 13.36 -6.26
C THR D 107 -16.99 13.39 -7.74
N PRO D 108 -16.52 14.36 -8.54
CA PRO D 108 -16.86 14.30 -9.97
C PRO D 108 -16.13 13.20 -10.70
N LEU D 109 -14.93 12.83 -10.24
CA LEU D 109 -14.13 11.80 -10.89
C LEU D 109 -14.37 10.41 -10.31
N SER D 110 -15.26 10.28 -9.32
CA SER D 110 -15.56 8.99 -8.72
C SER D 110 -17.01 8.56 -8.93
N LEU D 111 -17.78 9.29 -9.73
CA LEU D 111 -19.17 8.92 -9.98
C LEU D 111 -19.32 7.91 -11.11
N PHE D 112 -18.22 7.46 -11.72
CA PHE D 112 -18.32 6.49 -12.80
C PHE D 112 -18.69 5.11 -12.29
N CYS D 113 -18.71 4.90 -10.97
CA CYS D 113 -19.08 3.63 -10.37
C CYS D 113 -20.59 3.53 -10.19
N ASP D 114 -21.19 4.52 -9.54
CA ASP D 114 -22.64 4.54 -9.35
C ASP D 114 -23.32 4.71 -10.70
N ASP D 115 -24.25 3.79 -11.01
CA ASP D 115 -24.93 3.83 -12.29
C ASP D 115 -26.24 4.63 -12.26
N GLY D 116 -27.06 4.43 -11.22
CA GLY D 116 -28.34 5.11 -11.16
C GLY D 116 -28.80 5.49 -9.77
N ASP D 117 -27.92 5.39 -8.77
CA ASP D 117 -28.30 5.64 -7.39
C ASP D 117 -27.80 6.97 -6.85
N VAL D 118 -27.02 7.72 -7.62
CA VAL D 118 -26.51 9.02 -7.18
C VAL D 118 -26.79 10.04 -8.28
N LYS D 119 -27.59 11.04 -7.95
CA LYS D 119 -27.81 12.16 -8.85
C LYS D 119 -26.72 13.22 -8.67
N PHE D 120 -26.61 14.12 -9.65
CA PHE D 120 -25.52 15.11 -9.66
C PHE D 120 -26.05 16.52 -9.76
N VAL D 121 -25.71 17.35 -8.78
CA VAL D 121 -25.99 18.78 -8.77
C VAL D 121 -24.66 19.52 -8.86
N LEU D 122 -24.57 20.48 -9.78
CA LEU D 122 -23.33 21.20 -10.05
C LEU D 122 -23.61 22.70 -10.01
N ASP D 123 -22.73 23.45 -9.34
CA ASP D 123 -22.85 24.90 -9.36
C ASP D 123 -22.62 25.40 -10.78
N SER D 124 -23.37 26.42 -11.18
CA SER D 124 -23.26 26.94 -12.54
C SER D 124 -21.98 27.74 -12.74
N ALA D 125 -21.43 28.32 -11.67
CA ALA D 125 -20.28 29.20 -11.78
C ALA D 125 -19.01 28.49 -12.24
N PHE D 126 -19.02 27.16 -12.33
CA PHE D 126 -17.87 26.47 -12.90
C PHE D 126 -17.86 26.58 -14.42
N LEU D 127 -19.03 26.68 -15.03
CA LEU D 127 -19.12 26.86 -16.48
C LEU D 127 -19.21 28.32 -16.87
N GLU D 128 -19.76 29.15 -15.99
CA GLU D 128 -19.84 30.60 -16.19
C GLU D 128 -18.79 31.27 -15.30
N GLY D 129 -17.65 31.63 -15.90
CA GLY D 129 -16.59 32.32 -15.20
C GLY D 129 -15.25 32.30 -15.92
N GLY D 130 -14.37 33.21 -15.55
CA GLY D 130 -13.09 33.34 -16.22
C GLY D 130 -11.97 32.50 -15.60
N HIS D 131 -12.15 31.19 -15.58
CA HIS D 131 -11.11 30.26 -15.13
C HIS D 131 -10.92 29.17 -16.17
N GLU D 132 -9.68 29.00 -16.63
CA GLU D 132 -9.43 28.11 -17.76
C GLU D 132 -9.61 26.64 -17.37
N LYS D 133 -9.30 26.28 -16.13
CA LYS D 133 -9.37 24.89 -15.69
C LYS D 133 -9.97 24.81 -14.29
N VAL D 134 -10.59 23.67 -14.00
CA VAL D 134 -11.10 23.35 -12.68
C VAL D 134 -10.31 22.15 -12.16
N TYR D 135 -10.26 22.03 -10.84
CA TYR D 135 -9.40 21.07 -10.16
C TYR D 135 -10.22 20.15 -9.26
N PHE D 136 -9.92 18.86 -9.34
CA PHE D 136 -10.53 17.87 -8.45
C PHE D 136 -9.50 16.79 -8.16
N HIS D 137 -9.72 16.03 -7.10
CA HIS D 137 -8.83 14.95 -6.79
C HIS D 137 -9.06 13.78 -7.76
N PRO D 138 -8.00 13.09 -8.18
CA PRO D 138 -8.17 11.88 -9.01
C PRO D 138 -8.30 10.62 -8.15
N MET D 139 -9.32 10.60 -7.30
CA MET D 139 -9.61 9.47 -6.40
C MET D 139 -8.47 9.19 -5.43
N THR D 140 -7.72 10.23 -5.06
CA THR D 140 -6.67 10.10 -4.07
C THR D 140 -6.27 11.48 -3.59
N ASN D 141 -5.78 11.55 -2.36
CA ASN D 141 -5.30 12.81 -1.79
C ASN D 141 -3.87 13.14 -2.19
N ALA D 142 -3.17 12.21 -2.84
CA ALA D 142 -1.76 12.42 -3.18
C ALA D 142 -1.58 13.24 -4.45
N ALA D 143 -2.65 13.73 -5.06
CA ALA D 143 -2.54 14.53 -6.27
C ALA D 143 -3.86 15.25 -6.51
N THR D 144 -3.82 16.22 -7.41
CA THR D 144 -5.01 16.90 -7.92
C THR D 144 -4.89 17.06 -9.43
N MET D 145 -5.95 16.71 -10.13
CA MET D 145 -6.03 16.80 -11.57
C MET D 145 -6.87 18.01 -11.97
N GLY D 146 -6.35 18.79 -12.90
CA GLY D 146 -7.04 19.95 -13.43
C GLY D 146 -7.35 19.75 -14.90
N LEU D 147 -8.53 20.21 -15.31
CA LEU D 147 -9.03 19.98 -16.66
C LEU D 147 -10.08 21.04 -17.01
N SER D 148 -10.37 21.14 -18.30
CA SER D 148 -11.34 22.12 -18.77
C SER D 148 -12.72 21.79 -18.22
N PRO D 149 -13.53 22.80 -17.87
CA PRO D 149 -14.88 22.50 -17.37
C PRO D 149 -15.76 21.82 -18.40
N GLU D 150 -15.58 22.14 -19.69
CA GLU D 150 -16.38 21.51 -20.73
C GLU D 150 -16.01 20.04 -20.89
N ASP D 151 -14.72 19.72 -20.84
CA ASP D 151 -14.30 18.33 -20.85
C ASP D 151 -14.79 17.59 -19.60
N PHE D 152 -14.86 18.29 -18.47
CA PHE D 152 -15.42 17.69 -17.26
C PHE D 152 -16.90 17.38 -17.44
N LEU D 153 -17.63 18.28 -18.10
CA LEU D 153 -19.03 18.02 -18.40
C LEU D 153 -19.17 16.83 -19.35
N ILE D 154 -18.29 16.74 -20.35
CA ILE D 154 -18.28 15.57 -21.22
C ILE D 154 -18.07 14.29 -20.42
N PHE D 155 -17.15 14.33 -19.46
CA PHE D 155 -16.88 13.15 -18.65
C PHE D 155 -18.10 12.75 -17.83
N VAL D 156 -18.71 13.71 -17.12
CA VAL D 156 -19.85 13.36 -16.27
C VAL D 156 -21.04 12.92 -17.12
N LYS D 157 -21.15 13.40 -18.35
CA LYS D 157 -22.20 12.91 -19.24
C LYS D 157 -21.88 11.52 -19.76
N ALA D 158 -20.60 11.17 -19.87
CA ALA D 158 -20.21 9.84 -20.34
C ALA D 158 -20.45 8.75 -19.30
N THR D 159 -20.66 9.11 -18.04
CA THR D 159 -20.92 8.13 -16.99
C THR D 159 -22.40 7.79 -16.82
N GLY D 160 -23.29 8.48 -17.55
CA GLY D 160 -24.71 8.23 -17.42
C GLY D 160 -25.43 9.14 -16.44
N HIS D 161 -24.81 10.22 -16.00
CA HIS D 161 -25.39 11.14 -15.03
C HIS D 161 -25.67 12.47 -15.73
N ASP D 162 -26.89 12.64 -16.21
CA ASP D 162 -27.32 13.93 -16.72
C ASP D 162 -27.48 14.89 -15.55
N PRO D 163 -26.58 15.86 -15.35
CA PRO D 163 -26.63 16.69 -14.15
C PRO D 163 -27.80 17.66 -14.19
N ILE D 164 -28.05 18.28 -13.05
CA ILE D 164 -29.03 19.36 -12.94
C ILE D 164 -28.24 20.61 -12.54
N ILE D 165 -27.79 21.36 -13.54
CA ILE D 165 -27.03 22.58 -13.27
C ILE D 165 -27.97 23.67 -12.78
N LEU D 166 -27.62 24.29 -11.66
CA LEU D 166 -28.42 25.38 -11.12
C LEU D 166 -27.51 26.51 -10.67
N ASN D 167 -28.03 27.74 -10.78
CA ASN D 167 -27.29 28.95 -10.45
C ASN D 167 -27.72 29.45 -9.08
N PHE D 168 -26.77 30.00 -8.33
CA PHE D 168 -27.05 30.58 -7.03
C PHE D 168 -27.17 32.09 -7.06
N ASP D 169 -26.56 32.74 -8.05
CA ASP D 169 -26.61 34.20 -8.16
C ASP D 169 -27.96 34.67 -8.71
N LEU E 6 3.87 32.40 26.73
CA LEU E 6 2.80 31.69 26.03
C LEU E 6 2.06 32.65 25.10
N ARG E 7 1.16 32.10 24.27
CA ARG E 7 0.43 32.95 23.32
C ARG E 7 -0.51 33.90 24.05
N ALA E 8 -1.02 33.51 25.22
CA ALA E 8 -1.91 34.37 25.98
C ALA E 8 -1.21 35.68 26.35
N GLU E 9 0.07 35.60 26.70
CA GLU E 9 0.84 36.82 26.96
C GLU E 9 0.97 37.65 25.69
N LEU E 10 1.09 37.01 24.53
CA LEU E 10 1.15 37.74 23.27
C LEU E 10 -0.15 38.51 23.04
N GLU E 11 -1.29 37.86 23.29
CA GLU E 11 -2.57 38.56 23.19
C GLU E 11 -2.66 39.69 24.21
N GLN E 12 -2.09 39.47 25.39
CA GLN E 12 -2.07 40.51 26.42
C GLN E 12 -1.28 41.73 25.94
N ARG E 13 -0.14 41.51 25.32
CA ARG E 13 0.67 42.64 24.81
C ARG E 13 0.02 43.29 23.61
N LEU E 14 -0.69 42.52 22.77
CA LEU E 14 -1.40 43.13 21.66
C LEU E 14 -2.54 44.01 22.14
N GLY E 15 -3.28 43.55 23.16
CA GLY E 15 -4.29 44.41 23.75
C GLY E 15 -3.67 45.62 24.43
N ALA E 16 -2.49 45.45 25.01
CA ALA E 16 -1.76 46.58 25.56
C ALA E 16 -1.24 47.50 24.46
N LEU E 17 -0.92 46.96 23.29
CA LEU E 17 -0.46 47.76 22.16
C LEU E 17 -1.61 48.20 21.25
N ALA E 18 -2.85 47.85 21.58
CA ALA E 18 -4.02 48.26 20.81
C ALA E 18 -3.92 47.85 19.34
N ILE E 19 -3.63 46.56 19.12
CA ILE E 19 -3.51 46.01 17.78
C ILE E 19 -4.63 44.99 17.58
N ARG E 20 -5.56 45.30 16.69
CA ARG E 20 -6.64 44.37 16.36
C ARG E 20 -6.16 43.39 15.31
N THR E 21 -6.40 42.10 15.54
CA THR E 21 -5.92 41.03 14.69
C THR E 21 -7.08 40.15 14.27
N GLU E 22 -6.79 39.16 13.43
CA GLU E 22 -7.79 38.17 13.02
C GLU E 22 -7.12 36.80 13.05
N VAL E 23 -7.62 35.90 13.90
CA VAL E 23 -6.99 34.59 14.11
C VAL E 23 -7.91 33.52 13.55
N VAL E 24 -7.33 32.64 12.74
CA VAL E 24 -8.02 31.47 12.21
C VAL E 24 -7.30 30.23 12.71
N GLU E 25 -8.05 29.29 13.27
CA GLU E 25 -7.43 28.15 13.94
C GLU E 25 -6.96 27.15 12.90
N HIS E 26 -5.68 26.82 12.96
CA HIS E 26 -5.01 25.90 12.06
C HIS E 26 -5.06 24.48 12.61
N PRO E 27 -4.64 23.53 11.78
CA PRO E 27 -4.51 22.14 12.17
C PRO E 27 -3.18 21.63 11.62
N GLU E 28 -2.30 21.17 12.50
CA GLU E 28 -0.97 20.71 12.10
C GLU E 28 -1.08 19.59 11.08
N VAL E 29 -0.71 19.88 9.84
CA VAL E 29 -0.83 18.96 8.70
C VAL E 29 -2.28 18.51 8.54
N PHE E 30 -3.12 19.47 8.18
CA PHE E 30 -4.54 19.23 7.98
C PHE E 30 -4.80 18.66 6.58
N THR E 31 -5.91 17.94 6.46
CA THR E 31 -6.36 17.49 5.15
C THR E 31 -6.71 18.70 4.29
N ILE E 32 -6.45 18.59 2.99
CA ILE E 32 -6.69 19.74 2.12
C ILE E 32 -8.18 20.04 1.96
N GLU E 33 -9.05 19.06 2.20
CA GLU E 33 -10.48 19.32 2.11
C GLU E 33 -10.98 20.09 3.35
N GLU E 34 -10.46 19.75 4.53
CA GLU E 34 -10.84 20.46 5.73
C GLU E 34 -10.36 21.91 5.68
N MET E 35 -9.20 22.15 5.08
CA MET E 35 -8.61 23.48 4.98
C MET E 35 -9.14 24.31 3.82
N MET E 36 -9.64 23.68 2.75
CA MET E 36 -10.07 24.45 1.58
C MET E 36 -11.27 25.35 1.89
N PRO E 37 -12.18 24.88 2.74
CA PRO E 37 -13.33 25.71 3.09
C PRO E 37 -12.92 26.94 3.89
N HIS E 38 -11.94 26.78 4.80
CA HIS E 38 -11.45 27.86 5.63
C HIS E 38 -10.40 28.73 4.95
N ILE E 39 -9.80 28.25 3.85
CA ILE E 39 -8.73 28.98 3.17
C ILE E 39 -9.26 30.03 2.20
N GLN E 40 -10.38 30.68 2.56
CA GLN E 40 -10.95 31.74 1.75
C GLN E 40 -11.14 33.05 2.52
N HIS E 41 -11.18 33.01 3.84
CA HIS E 41 -11.14 34.22 4.65
C HIS E 41 -9.72 34.66 4.97
N LEU E 42 -8.78 33.71 5.04
CA LEU E 42 -7.38 34.03 5.31
C LEU E 42 -6.66 34.18 3.97
N LYS E 43 -6.66 35.41 3.45
CA LYS E 43 -6.01 35.74 2.19
C LYS E 43 -5.05 36.89 2.40
N GLY E 44 -3.82 36.74 1.91
CA GLY E 44 -2.81 37.77 2.07
C GLY E 44 -1.43 37.34 1.62
N ALA E 45 -0.42 37.64 2.44
CA ALA E 45 0.97 37.33 2.13
C ALA E 45 1.53 36.48 3.26
N HIS E 46 1.87 35.23 2.96
CA HIS E 46 2.51 34.35 3.92
C HIS E 46 4.03 34.41 3.77
N SER E 47 4.72 33.75 4.69
CA SER E 47 6.16 33.92 4.83
C SER E 47 6.81 32.62 5.23
N LYS E 48 8.12 32.54 4.98
CA LYS E 48 8.97 31.51 5.55
C LYS E 48 9.99 32.18 6.45
N ASN E 49 10.16 31.60 7.65
CA ASN E 49 10.98 32.15 8.70
C ASN E 49 12.22 31.28 8.93
N LEU E 50 13.36 31.93 9.13
CA LEU E 50 14.63 31.26 9.33
C LEU E 50 15.26 31.75 10.64
N PHE E 51 15.78 30.82 11.42
CA PHE E 51 16.50 31.12 12.65
C PHE E 51 17.96 30.76 12.40
N LEU E 52 18.82 31.76 12.28
CA LEU E 52 20.19 31.52 11.84
C LEU E 52 21.18 31.95 12.92
N LYS E 53 22.42 31.47 12.75
CA LYS E 53 23.50 31.71 13.70
C LYS E 53 24.79 31.96 12.93
N ASP E 54 25.64 32.80 13.51
CA ASP E 54 26.97 33.08 12.96
C ASP E 54 26.90 33.68 11.56
N LYS E 58 29.34 36.12 15.29
CA LYS E 58 29.20 34.99 16.21
C LYS E 58 28.00 35.15 17.13
N ASN E 59 26.88 35.57 16.55
CA ASN E 59 25.63 35.75 17.29
C ASN E 59 24.49 35.20 16.46
N TYR E 60 23.38 34.90 17.14
CA TYR E 60 22.19 34.38 16.47
C TYR E 60 21.26 35.52 16.09
N TRP E 61 20.62 35.40 14.94
CA TRP E 61 19.61 36.36 14.54
C TRP E 61 18.52 35.65 13.74
N LEU E 62 17.45 36.38 13.48
CA LEU E 62 16.21 35.86 12.93
C LEU E 62 15.90 36.57 11.63
N VAL E 63 15.54 35.81 10.59
CA VAL E 63 15.21 36.36 9.28
C VAL E 63 13.81 35.91 8.89
N THR E 64 13.04 36.81 8.31
CA THR E 64 11.67 36.51 7.86
C THR E 64 11.52 36.97 6.42
N VAL E 65 11.39 36.04 5.48
CA VAL E 65 11.29 36.37 4.07
C VAL E 65 10.01 35.77 3.51
N LEU E 66 9.72 36.09 2.25
CA LEU E 66 8.54 35.55 1.60
C LEU E 66 8.66 34.04 1.43
N HIS E 67 7.50 33.38 1.34
CA HIS E 67 7.50 31.92 1.33
C HIS E 67 8.09 31.35 0.04
N ASP E 68 7.97 32.07 -1.08
CA ASP E 68 8.46 31.58 -2.36
C ASP E 68 9.78 32.23 -2.78
N ARG E 69 10.42 32.96 -1.88
CA ARG E 69 11.66 33.64 -2.23
C ARG E 69 12.80 32.64 -2.27
N GLN E 70 13.37 32.45 -3.45
CA GLN E 70 14.59 31.64 -3.56
C GLN E 70 15.73 32.36 -2.83
N ILE E 71 16.57 31.58 -2.16
CA ILE E 71 17.58 32.16 -1.30
C ILE E 71 18.79 31.26 -1.28
N ASN E 72 19.96 31.87 -1.47
CA ASN E 72 21.24 31.19 -1.29
C ASN E 72 21.86 31.74 -0.02
N LEU E 73 22.25 30.84 0.87
CA LEU E 73 22.67 31.27 2.20
C LEU E 73 23.98 32.06 2.14
N ASN E 74 24.94 31.58 1.36
CA ASN E 74 26.24 32.25 1.28
C ASN E 74 26.13 33.64 0.67
N ASP E 75 25.22 33.83 -0.30
CA ASP E 75 25.01 35.16 -0.85
C ASP E 75 24.45 36.10 0.21
N LEU E 76 23.55 35.60 1.06
CA LEU E 76 23.05 36.42 2.16
C LEU E 76 24.16 36.75 3.16
N GLY E 77 25.02 35.77 3.47
CA GLY E 77 26.15 36.05 4.35
C GLY E 77 27.09 37.09 3.78
N LYS E 78 27.35 37.03 2.48
CA LYS E 78 28.17 38.06 1.83
C LYS E 78 27.46 39.40 1.88
N GLN E 79 26.14 39.40 1.76
CA GLN E 79 25.36 40.63 1.88
C GLN E 79 25.46 41.22 3.27
N LEU E 80 25.59 40.39 4.29
CA LEU E 80 25.64 40.83 5.68
C LEU E 80 27.05 40.81 6.25
N GLY E 81 27.72 39.66 6.21
CA GLY E 81 29.00 39.49 6.86
C GLY E 81 30.19 39.62 5.92
N SER E 84 32.55 35.79 4.74
CA SER E 84 31.56 35.43 3.73
C SER E 84 30.40 34.66 4.33
N GLY E 85 30.38 33.36 4.11
CA GLY E 85 29.27 32.52 4.54
C GLY E 85 29.41 31.88 5.92
N ASN E 86 29.83 32.67 6.91
CA ASN E 86 29.87 32.18 8.29
C ASN E 86 28.47 31.91 8.83
N LEU E 87 27.43 32.23 8.06
CA LEU E 87 26.06 32.04 8.49
C LEU E 87 25.64 30.60 8.26
N ARG E 88 25.09 29.98 9.31
CA ARG E 88 24.59 28.62 9.24
C ARG E 88 23.22 28.55 9.89
N PHE E 89 22.49 27.46 9.60
CA PHE E 89 21.21 27.22 10.24
C PHE E 89 21.39 26.93 11.72
N ALA E 90 20.45 27.40 12.53
CA ALA E 90 20.51 27.25 13.98
C ALA E 90 19.68 26.06 14.42
N ASP E 91 20.13 25.41 15.49
CA ASP E 91 19.45 24.22 16.00
C ASP E 91 18.12 24.60 16.65
N GLU E 92 17.19 23.63 16.66
CA GLU E 92 15.86 23.91 17.17
C GLU E 92 15.85 24.12 18.68
N THR E 93 16.78 23.48 19.40
CA THR E 93 16.86 23.66 20.85
C THR E 93 17.20 25.11 21.20
N ALA E 94 18.06 25.74 20.41
CA ALA E 94 18.40 27.14 20.65
C ALA E 94 17.18 28.04 20.57
N MET E 95 16.30 27.77 19.59
CA MET E 95 15.06 28.54 19.48
C MET E 95 14.19 28.35 20.71
N LEU E 96 14.23 27.17 21.33
CA LEU E 96 13.41 26.92 22.51
C LEU E 96 13.88 27.76 23.69
N GLU E 97 15.18 27.89 23.89
CA GLU E 97 15.68 28.67 25.02
C GLU E 97 15.71 30.17 24.73
N LYS E 98 15.79 30.57 23.47
CA LYS E 98 15.87 31.98 23.10
C LYS E 98 14.52 32.57 22.69
N LEU E 99 13.69 31.80 21.99
CA LEU E 99 12.41 32.29 21.50
C LEU E 99 11.24 31.46 22.00
N LYS E 100 11.48 30.48 22.86
CA LYS E 100 10.45 29.71 23.56
C LYS E 100 9.53 28.93 22.61
N VAL E 101 9.96 28.71 21.37
CA VAL E 101 9.17 27.96 20.41
C VAL E 101 10.06 26.93 19.72
N GLY E 102 9.42 25.87 19.22
CA GLY E 102 10.12 24.85 18.48
C GLY E 102 9.22 24.18 17.46
N GLN E 103 9.65 24.21 16.20
CA GLN E 103 8.89 23.70 15.05
C GLN E 103 7.64 24.53 14.79
N GLY E 104 7.34 25.46 15.69
CA GLY E 104 6.39 26.52 15.40
C GLY E 104 7.14 27.80 15.20
N CYS E 105 7.36 28.19 13.94
CA CYS E 105 8.19 29.34 13.63
C CYS E 105 7.35 30.62 13.69
N ALA E 106 6.92 30.94 14.91
CA ALA E 106 6.24 32.19 15.18
C ALA E 106 7.28 33.28 15.40
N THR E 107 8.19 33.41 14.47
CA THR E 107 9.43 34.15 14.68
C THR E 107 9.21 35.65 14.89
N PRO E 108 8.33 36.33 14.14
CA PRO E 108 8.13 37.76 14.43
C PRO E 108 7.36 37.99 15.70
N LEU E 109 6.47 37.08 16.07
CA LEU E 109 5.63 37.23 17.26
C LEU E 109 6.22 36.59 18.51
N SER E 110 7.39 35.94 18.40
CA SER E 110 8.02 35.32 19.56
C SER E 110 9.40 35.89 19.88
N LEU E 111 9.80 36.97 19.21
CA LEU E 111 11.10 37.57 19.46
C LEU E 111 11.09 38.57 20.60
N PHE E 112 9.95 38.76 21.27
CA PHE E 112 9.87 39.74 22.35
C PHE E 112 10.60 39.30 23.61
N CYS E 113 11.11 38.06 23.66
CA CYS E 113 11.83 37.61 24.84
C CYS E 113 13.30 38.04 24.77
N ASP E 114 13.98 37.70 23.68
CA ASP E 114 15.36 38.11 23.50
C ASP E 114 15.42 39.63 23.35
N ASP E 115 16.22 40.28 24.20
CA ASP E 115 16.29 41.74 24.20
C ASP E 115 17.40 42.29 23.31
N GLY E 116 18.59 41.69 23.35
CA GLY E 116 19.70 42.22 22.59
C GLY E 116 20.63 41.20 21.97
N ASP E 117 20.23 39.93 21.99
CA ASP E 117 21.06 38.86 21.46
C ASP E 117 20.58 38.33 20.12
N VAL E 118 19.42 38.79 19.63
CA VAL E 118 18.88 38.35 18.35
C VAL E 118 18.45 39.58 17.57
N LYS E 119 19.08 39.80 16.42
CA LYS E 119 18.68 40.85 15.49
C LYS E 119 17.61 40.31 14.55
N PHE E 120 16.93 41.24 13.87
CA PHE E 120 15.77 40.93 13.05
C PHE E 120 15.99 41.43 11.63
N VAL E 121 15.90 40.51 10.66
CA VAL E 121 15.95 40.82 9.24
C VAL E 121 14.57 40.55 8.66
N LEU E 122 14.05 41.51 7.90
CA LEU E 122 12.69 41.43 7.37
C LEU E 122 12.72 41.70 5.88
N ASP E 123 12.02 40.86 5.12
CA ASP E 123 11.86 41.10 3.69
C ASP E 123 11.07 42.38 3.44
N SER E 124 11.47 43.13 2.41
CA SER E 124 10.83 44.41 2.12
C SER E 124 9.46 44.26 1.49
N ALA E 125 9.20 43.17 0.78
CA ALA E 125 7.93 43.01 0.06
C ALA E 125 6.74 42.87 1.00
N PHE E 126 6.97 42.76 2.31
CA PHE E 126 5.86 42.76 3.25
C PHE E 126 5.29 44.16 3.46
N LEU E 127 6.12 45.19 3.27
CA LEU E 127 5.66 46.56 3.45
C LEU E 127 5.15 47.19 2.16
N GLU E 128 5.67 46.78 1.01
CA GLU E 128 5.17 47.26 -0.28
C GLU E 128 4.34 46.17 -0.94
N GLY E 129 3.30 46.57 -1.65
CA GLY E 129 2.48 45.61 -2.37
C GLY E 129 1.02 45.62 -1.96
N GLY E 130 0.16 45.06 -2.80
CA GLY E 130 -1.27 45.06 -2.56
C GLY E 130 -1.76 43.88 -1.75
N HIS E 131 -1.28 43.74 -0.52
CA HIS E 131 -1.77 42.73 0.42
C HIS E 131 -2.12 43.43 1.72
N GLU E 132 -3.36 43.29 2.16
CA GLU E 132 -3.85 44.09 3.28
C GLU E 132 -3.28 43.61 4.61
N LYS E 133 -3.07 42.31 4.76
CA LYS E 133 -2.61 41.76 6.03
C LYS E 133 -1.57 40.68 5.77
N VAL E 134 -0.72 40.47 6.78
CA VAL E 134 0.27 39.40 6.78
C VAL E 134 -0.08 38.42 7.87
N TYR E 135 0.39 37.18 7.70
CA TYR E 135 0.00 36.05 8.54
C TYR E 135 1.24 35.42 9.16
N PHE E 136 1.16 35.16 10.47
CA PHE E 136 2.23 34.47 11.19
C PHE E 136 1.60 33.61 12.28
N HIS E 137 2.38 32.66 12.80
CA HIS E 137 1.89 31.84 13.88
C HIS E 137 1.83 32.66 15.18
N PRO E 138 0.80 32.48 15.99
CA PRO E 138 0.74 33.13 17.31
C PRO E 138 1.36 32.25 18.41
N MET E 139 2.65 31.97 18.26
CA MET E 139 3.40 31.13 19.19
C MET E 139 2.83 29.72 19.28
N THR E 140 2.21 29.25 18.19
CA THR E 140 1.70 27.89 18.11
C THR E 140 1.37 27.58 16.65
N ASN E 141 1.44 26.29 16.30
CA ASN E 141 1.06 25.83 14.97
C ASN E 141 -0.43 25.60 14.83
N ALA E 142 -1.20 25.68 15.93
CA ALA E 142 -2.61 25.37 15.92
C ALA E 142 -3.46 26.55 15.44
N ALA E 143 -2.85 27.64 14.99
CA ALA E 143 -3.60 28.79 14.52
C ALA E 143 -2.67 29.68 13.70
N THR E 144 -3.27 30.63 12.99
CA THR E 144 -2.53 31.67 12.29
C THR E 144 -3.21 33.00 12.54
N MET E 145 -2.41 33.99 12.91
CA MET E 145 -2.86 35.35 13.18
C MET E 145 -2.51 36.23 12.00
N GLY E 146 -3.47 37.00 11.53
CA GLY E 146 -3.25 37.96 10.46
C GLY E 146 -3.50 39.37 10.96
N LEU E 147 -2.65 40.28 10.52
CA LEU E 147 -2.68 41.65 11.00
C LEU E 147 -2.02 42.56 9.97
N SER E 148 -2.25 43.87 10.13
CA SER E 148 -1.72 44.83 9.18
C SER E 148 -0.19 44.82 9.23
N PRO E 149 0.48 44.99 8.09
CA PRO E 149 1.96 45.02 8.11
C PRO E 149 2.50 46.18 8.92
N GLU E 150 1.83 47.33 8.92
CA GLU E 150 2.28 48.46 9.71
C GLU E 150 2.13 48.19 11.20
N ASP E 151 1.01 47.58 11.60
CA ASP E 151 0.86 47.16 13.00
C ASP E 151 1.88 46.10 13.37
N PHE E 152 2.25 45.24 12.42
CA PHE E 152 3.30 44.26 12.67
C PHE E 152 4.65 44.93 12.89
N LEU E 153 4.94 45.97 12.10
CA LEU E 153 6.16 46.73 12.31
C LEU E 153 6.14 47.44 13.67
N ILE E 154 4.98 47.99 14.04
CA ILE E 154 4.84 48.61 15.36
C ILE E 154 5.13 47.59 16.45
N PHE E 155 4.62 46.37 16.28
CA PHE E 155 4.85 45.32 17.28
C PHE E 155 6.32 44.97 17.40
N VAL E 156 6.97 44.68 16.27
CA VAL E 156 8.37 44.26 16.33
C VAL E 156 9.29 45.38 16.80
N LYS E 157 8.92 46.64 16.52
CA LYS E 157 9.70 47.75 17.07
C LYS E 157 9.41 47.99 18.54
N ALA E 158 8.22 47.62 19.02
CA ALA E 158 7.88 47.78 20.42
C ALA E 158 8.57 46.76 21.31
N THR E 159 9.12 45.69 20.73
CA THR E 159 9.85 44.68 21.49
C THR E 159 11.32 45.02 21.67
N GLY E 160 11.78 46.11 21.07
CA GLY E 160 13.18 46.49 21.14
C GLY E 160 14.03 46.01 19.98
N HIS E 161 13.42 45.50 18.92
CA HIS E 161 14.14 44.97 17.77
C HIS E 161 13.87 45.88 16.57
N ASP E 162 14.73 46.86 16.39
CA ASP E 162 14.69 47.67 15.18
C ASP E 162 15.19 46.82 14.01
N PRO E 163 14.33 46.39 13.10
CA PRO E 163 14.77 45.45 12.06
C PRO E 163 15.69 46.12 11.07
N ILE E 164 16.29 45.30 10.21
CA ILE E 164 17.10 45.79 9.10
C ILE E 164 16.39 45.35 7.82
N ILE E 165 15.53 46.23 7.31
CA ILE E 165 14.76 45.92 6.11
C ILE E 165 15.69 45.96 4.90
N LEU E 166 15.67 44.89 4.11
CA LEU E 166 16.45 44.82 2.88
C LEU E 166 15.61 44.21 1.77
N ASN E 167 15.87 44.66 0.54
CA ASN E 167 15.12 44.23 -0.63
C ASN E 167 15.93 43.20 -1.40
N PHE E 168 15.23 42.21 -1.97
CA PHE E 168 15.88 41.18 -2.78
C PHE E 168 15.71 41.41 -4.28
N ASP E 169 14.63 42.07 -4.69
CA ASP E 169 14.38 42.32 -6.10
C ASP E 169 15.25 43.45 -6.64
N LEU F 6 -27.59 -32.67 0.44
CA LEU F 6 -26.91 -32.02 1.54
C LEU F 6 -25.84 -32.93 2.13
N ARG F 7 -25.00 -32.39 3.01
CA ARG F 7 -23.94 -33.20 3.61
C ARG F 7 -24.51 -34.27 4.53
N ALA F 8 -25.67 -34.00 5.14
CA ALA F 8 -26.30 -34.98 6.02
C ALA F 8 -26.67 -36.24 5.25
N GLU F 9 -27.14 -36.09 4.01
CA GLU F 9 -27.44 -37.26 3.19
C GLU F 9 -26.17 -38.05 2.87
N LEU F 10 -25.06 -37.34 2.66
CA LEU F 10 -23.79 -38.01 2.40
C LEU F 10 -23.34 -38.81 3.62
N GLU F 11 -23.45 -38.21 4.81
CA GLU F 11 -23.12 -38.94 6.03
C GLU F 11 -24.07 -40.11 6.25
N GLN F 12 -25.34 -39.96 5.87
CA GLN F 12 -26.29 -41.06 5.98
C GLN F 12 -25.87 -42.23 5.10
N ARG F 13 -25.47 -41.94 3.86
CA ARG F 13 -25.06 -43.01 2.96
C ARG F 13 -23.73 -43.63 3.38
N LEU F 14 -22.84 -42.84 3.99
CA LEU F 14 -21.60 -43.41 4.51
C LEU F 14 -21.89 -44.32 5.70
N GLY F 15 -22.77 -43.90 6.60
CA GLY F 15 -23.15 -44.75 7.71
C GLY F 15 -23.87 -46.01 7.27
N ALA F 16 -24.66 -45.92 6.20
CA ALA F 16 -25.29 -47.12 5.66
C ALA F 16 -24.26 -48.08 5.08
N LEU F 17 -23.14 -47.55 4.58
CA LEU F 17 -22.06 -48.37 4.06
C LEU F 17 -21.03 -48.72 5.12
N ALA F 18 -21.26 -48.33 6.37
CA ALA F 18 -20.38 -48.66 7.50
C ALA F 18 -18.96 -48.11 7.26
N ILE F 19 -18.89 -46.81 6.96
CA ILE F 19 -17.62 -46.12 6.73
C ILE F 19 -17.45 -45.09 7.84
N ARG F 20 -16.46 -45.31 8.71
CA ARG F 20 -16.16 -44.35 9.76
C ARG F 20 -15.25 -43.26 9.19
N THR F 21 -15.57 -42.00 9.47
CA THR F 21 -14.88 -40.86 8.89
C THR F 21 -14.38 -39.93 10.00
N GLU F 22 -13.69 -38.88 9.59
CA GLU F 22 -13.20 -37.84 10.49
C GLU F 22 -13.46 -36.49 9.84
N VAL F 23 -14.29 -35.67 10.46
CA VAL F 23 -14.70 -34.39 9.88
C VAL F 23 -14.10 -33.27 10.70
N VAL F 24 -13.43 -32.33 10.02
CA VAL F 24 -12.90 -31.13 10.67
C VAL F 24 -13.56 -29.92 10.03
N GLU F 25 -14.13 -29.05 10.87
CA GLU F 25 -14.91 -27.92 10.37
C GLU F 25 -13.98 -26.78 10.01
N HIS F 26 -14.02 -26.35 8.76
CA HIS F 26 -13.23 -25.24 8.27
C HIS F 26 -14.01 -23.94 8.32
N PRO F 27 -13.31 -22.81 8.33
CA PRO F 27 -13.92 -21.56 7.87
C PRO F 27 -13.61 -21.30 6.40
N GLU F 28 -14.58 -20.70 5.72
CA GLU F 28 -14.44 -20.38 4.31
C GLU F 28 -13.27 -19.44 4.09
N VAL F 29 -12.20 -19.93 3.46
CA VAL F 29 -10.97 -19.17 3.25
C VAL F 29 -10.36 -18.74 4.59
N PHE F 30 -9.84 -19.73 5.29
CA PHE F 30 -9.23 -19.51 6.59
C PHE F 30 -7.82 -18.95 6.46
N THR F 31 -7.50 -17.97 7.32
CA THR F 31 -6.15 -17.42 7.37
C THR F 31 -5.17 -18.51 7.83
N ILE F 32 -3.88 -18.27 7.56
CA ILE F 32 -2.88 -19.28 7.90
C ILE F 32 -2.70 -19.43 9.41
N GLU F 33 -3.02 -18.39 10.18
CA GLU F 33 -2.93 -18.51 11.63
C GLU F 33 -4.09 -19.31 12.19
N GLU F 34 -5.30 -19.08 11.68
CA GLU F 34 -6.46 -19.86 12.11
C GLU F 34 -6.35 -21.32 11.69
N MET F 35 -5.74 -21.58 10.53
CA MET F 35 -5.63 -22.94 10.04
C MET F 35 -4.43 -23.69 10.61
N MET F 36 -3.36 -22.98 11.03
CA MET F 36 -2.17 -23.68 11.52
C MET F 36 -2.46 -24.44 12.80
N PRO F 37 -3.29 -23.89 13.68
CA PRO F 37 -3.62 -24.59 14.92
C PRO F 37 -4.41 -25.86 14.64
N HIS F 38 -5.31 -25.81 13.67
CA HIS F 38 -6.17 -26.91 13.26
C HIS F 38 -5.51 -27.89 12.29
N ILE F 39 -4.38 -27.51 11.69
CA ILE F 39 -3.69 -28.32 10.69
C ILE F 39 -2.79 -29.40 11.28
N GLN F 40 -3.20 -30.01 12.39
CA GLN F 40 -2.46 -31.11 13.00
C GLN F 40 -3.29 -32.37 13.15
N HIS F 41 -4.61 -32.28 13.00
CA HIS F 41 -5.46 -33.46 12.88
C HIS F 41 -5.82 -33.79 11.44
N LEU F 42 -5.85 -32.78 10.56
CA LEU F 42 -6.16 -32.99 9.15
C LEU F 42 -4.86 -33.03 8.35
N LYS F 43 -4.20 -34.19 8.40
CA LYS F 43 -2.97 -34.42 7.66
C LYS F 43 -3.12 -35.71 6.86
N GLY F 44 -2.61 -35.70 5.64
CA GLY F 44 -2.78 -36.83 4.74
C GLY F 44 -2.52 -36.48 3.29
N ALA F 45 -3.41 -36.88 2.40
CA ALA F 45 -3.28 -36.63 0.97
C ALA F 45 -4.52 -35.88 0.49
N HIS F 46 -4.33 -34.63 0.09
CA HIS F 46 -5.37 -33.80 -0.49
C HIS F 46 -5.31 -33.88 -2.01
N SER F 47 -6.28 -33.25 -2.66
CA SER F 47 -6.48 -33.45 -4.09
C SER F 47 -6.96 -32.18 -4.75
N LYS F 48 -6.74 -32.10 -6.06
CA LYS F 48 -7.36 -31.11 -6.92
C LYS F 48 -8.27 -31.82 -7.91
N ASN F 49 -9.47 -31.27 -8.07
CA ASN F 49 -10.56 -31.86 -8.82
C ASN F 49 -10.88 -31.06 -10.08
N LEU F 50 -11.18 -31.79 -11.17
CA LEU F 50 -11.49 -31.21 -12.46
C LEU F 50 -12.84 -31.74 -12.94
N PHE F 51 -13.69 -30.84 -13.43
CA PHE F 51 -14.99 -31.22 -14.01
C PHE F 51 -14.93 -30.89 -15.50
N LEU F 52 -14.89 -31.92 -16.35
CA LEU F 52 -14.66 -31.71 -17.77
C LEU F 52 -15.84 -32.20 -18.59
N LYS F 53 -15.87 -31.76 -19.85
CA LYS F 53 -16.96 -32.05 -20.77
C LYS F 53 -16.38 -32.31 -22.16
N ASP F 54 -17.08 -33.15 -22.92
CA ASP F 54 -16.72 -33.47 -24.31
C ASP F 54 -15.45 -34.28 -24.38
N LYS F 58 -19.30 -36.42 -25.99
CA LYS F 58 -20.00 -35.17 -25.77
C LYS F 58 -20.79 -35.22 -24.46
N ASN F 59 -20.13 -35.73 -23.42
CA ASN F 59 -20.73 -35.87 -22.10
C ASN F 59 -19.72 -35.41 -21.04
N TYR F 60 -20.24 -35.11 -19.85
CA TYR F 60 -19.40 -34.61 -18.77
C TYR F 60 -18.90 -35.76 -17.90
N TRP F 61 -17.67 -35.61 -17.43
CA TRP F 61 -17.11 -36.55 -16.47
C TRP F 61 -16.20 -35.78 -15.52
N LEU F 62 -15.81 -36.49 -14.45
CA LEU F 62 -15.13 -35.90 -13.31
C LEU F 62 -13.78 -36.59 -13.09
N VAL F 63 -12.74 -35.79 -12.86
CA VAL F 63 -11.38 -36.28 -12.63
C VAL F 63 -10.92 -35.78 -11.27
N THR F 64 -10.24 -36.65 -10.52
CA THR F 64 -9.72 -36.32 -9.19
C THR F 64 -8.26 -36.73 -9.12
N VAL F 65 -7.35 -35.77 -9.05
CA VAL F 65 -5.92 -36.06 -9.03
C VAL F 65 -5.32 -35.45 -7.77
N LEU F 66 -4.04 -35.76 -7.53
CA LEU F 66 -3.35 -35.25 -6.36
C LEU F 66 -3.21 -33.74 -6.45
N HIS F 67 -3.04 -33.11 -5.27
CA HIS F 67 -3.07 -31.65 -5.20
C HIS F 67 -1.88 -30.99 -5.90
N ASP F 68 -0.73 -31.65 -5.96
CA ASP F 68 0.45 -31.07 -6.60
C ASP F 68 0.75 -31.69 -7.96
N ARG F 69 -0.15 -32.50 -8.49
CA ARG F 69 0.11 -33.24 -9.72
C ARG F 69 -0.03 -32.33 -10.95
N GLN F 70 1.07 -32.14 -11.66
CA GLN F 70 1.01 -31.49 -12.98
C GLN F 70 0.26 -32.38 -13.96
N ILE F 71 -0.56 -31.76 -14.80
CA ILE F 71 -1.47 -32.49 -15.68
C ILE F 71 -1.67 -31.70 -16.96
N ASN F 72 -1.61 -32.38 -18.09
CA ASN F 72 -1.87 -31.80 -19.40
C ASN F 72 -3.21 -32.25 -19.94
N LEU F 73 -4.03 -31.31 -20.41
CA LEU F 73 -5.37 -31.62 -20.86
C LEU F 73 -5.35 -32.45 -22.15
N ASN F 74 -4.55 -32.02 -23.12
CA ASN F 74 -4.51 -32.71 -24.41
C ASN F 74 -3.96 -34.13 -24.28
N ASP F 75 -2.96 -34.32 -23.41
CA ASP F 75 -2.43 -35.66 -23.19
C ASP F 75 -3.46 -36.56 -22.52
N LEU F 76 -4.23 -36.01 -21.57
CA LEU F 76 -5.28 -36.80 -20.94
C LEU F 76 -6.35 -37.17 -21.96
N GLY F 77 -6.73 -36.22 -22.82
CA GLY F 77 -7.68 -36.55 -23.88
C GLY F 77 -7.16 -37.62 -24.81
N LYS F 78 -5.85 -37.58 -25.12
CA LYS F 78 -5.26 -38.62 -25.95
C LYS F 78 -5.32 -39.98 -25.26
N GLN F 79 -5.07 -40.00 -23.95
CA GLN F 79 -5.13 -41.26 -23.21
C GLN F 79 -6.56 -41.81 -23.13
N LEU F 80 -7.57 -40.94 -23.07
CA LEU F 80 -8.95 -41.39 -22.92
C LEU F 80 -9.75 -41.32 -24.22
N GLY F 81 -9.84 -40.13 -24.82
CA GLY F 81 -10.73 -39.94 -25.95
C GLY F 81 -10.15 -39.11 -27.09
N GLY F 83 -5.67 -38.11 -30.77
CA GLY F 83 -5.72 -37.63 -29.40
C GLY F 83 -5.74 -36.12 -29.29
N SER F 84 -6.78 -35.51 -29.86
CA SER F 84 -6.92 -34.06 -29.87
C SER F 84 -7.43 -33.58 -28.52
N GLY F 85 -7.53 -32.26 -28.39
CA GLY F 85 -8.02 -31.65 -27.17
C GLY F 85 -9.51 -31.40 -27.18
N ASN F 86 -10.30 -32.46 -27.44
CA ASN F 86 -11.75 -32.32 -27.39
C ASN F 86 -12.28 -32.14 -25.98
N LEU F 87 -11.43 -32.35 -24.97
CA LEU F 87 -11.81 -32.19 -23.58
C LEU F 87 -11.63 -30.74 -23.15
N ARG F 88 -12.68 -30.14 -22.63
CA ARG F 88 -12.64 -28.76 -22.18
C ARG F 88 -13.23 -28.63 -20.78
N PHE F 89 -12.87 -27.53 -20.12
CA PHE F 89 -13.42 -27.24 -18.80
C PHE F 89 -14.89 -26.88 -18.86
N ALA F 90 -15.64 -27.30 -17.85
CA ALA F 90 -17.06 -27.07 -17.76
C ALA F 90 -17.34 -25.88 -16.84
N ASP F 91 -18.39 -25.12 -17.17
CA ASP F 91 -18.76 -23.99 -16.34
C ASP F 91 -19.44 -24.49 -15.06
N GLU F 92 -19.61 -23.56 -14.11
CA GLU F 92 -20.09 -23.94 -12.78
C GLU F 92 -21.56 -24.35 -12.79
N THR F 93 -22.35 -23.80 -13.71
CA THR F 93 -23.77 -24.19 -13.77
C THR F 93 -23.93 -25.68 -14.05
N ALA F 94 -23.07 -26.22 -14.91
CA ALA F 94 -23.12 -27.65 -15.20
C ALA F 94 -22.82 -28.48 -13.94
N MET F 95 -21.79 -28.09 -13.19
CA MET F 95 -21.48 -28.80 -11.95
C MET F 95 -22.61 -28.67 -10.93
N LEU F 96 -23.25 -27.50 -10.89
CA LEU F 96 -24.35 -27.29 -9.94
C LEU F 96 -25.56 -28.15 -10.30
N GLU F 97 -25.87 -28.27 -11.59
CA GLU F 97 -27.03 -29.07 -11.99
C GLU F 97 -26.73 -30.56 -12.02
N LYS F 98 -25.47 -30.96 -12.14
CA LYS F 98 -25.09 -32.36 -12.22
C LYS F 98 -24.64 -32.93 -10.87
N LEU F 99 -23.92 -32.14 -10.08
CA LEU F 99 -23.37 -32.62 -8.81
C LEU F 99 -23.80 -31.81 -7.60
N LYS F 100 -24.67 -30.81 -7.77
CA LYS F 100 -25.28 -30.07 -6.66
C LYS F 100 -24.25 -29.33 -5.81
N VAL F 101 -23.06 -29.05 -6.35
CA VAL F 101 -22.02 -28.35 -5.62
C VAL F 101 -21.46 -27.20 -6.45
N GLY F 102 -20.91 -26.21 -5.75
CA GLY F 102 -20.29 -25.07 -6.39
C GLY F 102 -19.19 -24.48 -5.53
N GLN F 103 -18.00 -24.37 -6.13
CA GLN F 103 -16.77 -23.91 -5.47
C GLN F 103 -16.31 -24.91 -4.42
N GLY F 104 -17.13 -25.91 -4.14
CA GLY F 104 -16.72 -27.08 -3.39
C GLY F 104 -16.62 -28.31 -4.26
N CYS F 105 -15.40 -28.67 -4.65
CA CYS F 105 -15.20 -29.81 -5.56
C CYS F 105 -15.22 -31.09 -4.74
N ALA F 106 -16.42 -31.41 -4.25
CA ALA F 106 -16.69 -32.61 -3.46
C ALA F 106 -16.88 -33.83 -4.37
N THR F 107 -15.87 -34.11 -5.17
CA THR F 107 -16.04 -35.04 -6.28
C THR F 107 -16.41 -36.45 -5.85
N PRO F 108 -15.79 -37.06 -4.83
CA PRO F 108 -16.28 -38.39 -4.43
C PRO F 108 -17.56 -38.30 -3.62
N LEU F 109 -17.73 -37.23 -2.85
CA LEU F 109 -18.85 -37.09 -1.94
C LEU F 109 -20.07 -36.43 -2.58
N SER F 110 -19.98 -36.01 -3.84
CA SER F 110 -21.12 -35.46 -4.56
C SER F 110 -21.44 -36.30 -5.79
N LEU F 111 -20.77 -37.44 -5.95
CA LEU F 111 -20.97 -38.33 -7.08
C LEU F 111 -22.10 -39.33 -6.85
N PHE F 112 -22.73 -39.32 -5.68
CA PHE F 112 -23.81 -40.25 -5.39
C PHE F 112 -25.13 -39.87 -6.07
N CYS F 113 -25.22 -38.68 -6.65
CA CYS F 113 -26.44 -38.24 -7.32
C CYS F 113 -26.48 -38.67 -8.77
N ASP F 114 -25.46 -38.31 -9.54
CA ASP F 114 -25.40 -38.69 -10.94
C ASP F 114 -25.24 -40.20 -11.05
N ASP F 115 -26.13 -40.83 -11.81
CA ASP F 115 -26.12 -42.29 -11.93
C ASP F 115 -25.32 -42.77 -13.14
N GLY F 116 -25.47 -42.13 -14.29
CA GLY F 116 -24.79 -42.62 -15.48
C GLY F 116 -24.32 -41.54 -16.44
N ASP F 117 -24.33 -40.28 -16.01
CA ASP F 117 -23.98 -39.18 -16.89
C ASP F 117 -22.59 -38.61 -16.61
N VAL F 118 -21.91 -39.07 -15.56
CA VAL F 118 -20.59 -38.59 -15.21
C VAL F 118 -19.69 -39.80 -14.94
N LYS F 119 -18.64 -39.94 -15.73
CA LYS F 119 -17.63 -40.97 -15.48
C LYS F 119 -16.62 -40.43 -14.46
N PHE F 120 -15.85 -41.35 -13.87
CA PHE F 120 -14.95 -41.01 -12.78
C PHE F 120 -13.53 -41.44 -13.11
N VAL F 121 -12.60 -40.49 -13.09
CA VAL F 121 -11.18 -40.75 -13.25
C VAL F 121 -10.50 -40.43 -11.92
N LEU F 122 -9.67 -41.36 -11.45
CA LEU F 122 -9.04 -41.25 -10.14
C LEU F 122 -7.54 -41.45 -10.26
N ASP F 123 -6.77 -40.57 -9.61
CA ASP F 123 -5.33 -40.76 -9.55
C ASP F 123 -4.98 -42.02 -8.76
N SER F 124 -3.92 -42.71 -9.20
CA SER F 124 -3.53 -43.97 -8.59
C SER F 124 -2.84 -43.79 -7.24
N ALA F 125 -2.19 -42.65 -7.01
CA ALA F 125 -1.43 -42.47 -5.77
C ALA F 125 -2.31 -42.39 -4.54
N PHE F 126 -3.64 -42.32 -4.70
CA PHE F 126 -4.53 -42.38 -3.55
C PHE F 126 -4.65 -43.79 -2.99
N LEU F 127 -4.48 -44.80 -3.85
CA LEU F 127 -4.58 -46.19 -3.45
C LEU F 127 -3.24 -46.77 -3.03
N GLU F 128 -2.14 -46.23 -3.54
CA GLU F 128 -0.82 -46.64 -3.14
C GLU F 128 -0.24 -45.59 -2.19
N GLY F 129 1.02 -45.76 -1.82
CA GLY F 129 1.71 -44.80 -0.97
C GLY F 129 1.30 -44.93 0.49
N GLY F 130 2.17 -44.40 1.36
CA GLY F 130 1.96 -44.51 2.79
C GLY F 130 1.20 -43.37 3.44
N HIS F 131 -0.07 -43.17 3.06
CA HIS F 131 -0.93 -42.22 3.73
C HIS F 131 -2.24 -42.91 4.08
N GLU F 132 -2.59 -42.91 5.37
CA GLU F 132 -3.72 -43.69 5.88
C GLU F 132 -5.06 -43.10 5.46
N LYS F 133 -5.15 -41.78 5.29
CA LYS F 133 -6.43 -41.14 5.02
C LYS F 133 -6.30 -40.15 3.88
N VAL F 134 -7.41 -39.97 3.16
CA VAL F 134 -7.55 -38.95 2.12
C VAL F 134 -8.66 -38.00 2.55
N TYR F 135 -8.59 -36.77 2.05
CA TYR F 135 -9.48 -35.70 2.49
C TYR F 135 -10.21 -35.09 1.30
N PHE F 136 -11.51 -34.87 1.48
CA PHE F 136 -12.34 -34.24 0.46
C PHE F 136 -13.39 -33.38 1.14
N HIS F 137 -13.95 -32.45 0.37
CA HIS F 137 -15.02 -31.62 0.92
C HIS F 137 -16.32 -32.43 1.01
N PRO F 138 -17.12 -32.25 2.06
CA PRO F 138 -18.43 -32.90 2.15
C PRO F 138 -19.54 -32.04 1.55
N MET F 139 -19.40 -31.76 0.24
CA MET F 139 -20.36 -30.94 -0.51
C MET F 139 -20.47 -29.53 0.05
N THR F 140 -19.40 -29.04 0.65
CA THR F 140 -19.35 -27.67 1.16
C THR F 140 -17.89 -27.31 1.43
N ASN F 141 -17.60 -26.02 1.35
CA ASN F 141 -16.25 -25.52 1.63
C ASN F 141 -16.00 -25.31 3.12
N ALA F 142 -17.03 -25.44 3.96
CA ALA F 142 -16.93 -25.15 5.38
C ALA F 142 -16.35 -26.30 6.21
N ALA F 143 -15.91 -27.38 5.58
CA ALA F 143 -15.35 -28.50 6.32
C ALA F 143 -14.60 -29.41 5.36
N THR F 144 -13.82 -30.32 5.93
CA THR F 144 -13.18 -31.38 5.16
C THR F 144 -13.32 -32.70 5.91
N MET F 145 -13.76 -33.73 5.19
CA MET F 145 -13.90 -35.07 5.72
C MET F 145 -12.76 -35.94 5.22
N GLY F 146 -12.12 -36.66 6.13
CA GLY F 146 -11.04 -37.58 5.80
C GLY F 146 -11.44 -39.00 6.13
N LEU F 147 -11.04 -39.92 5.26
CA LEU F 147 -11.44 -41.32 5.38
C LEU F 147 -10.43 -42.19 4.64
N SER F 148 -10.48 -43.49 4.91
CA SER F 148 -9.53 -44.41 4.32
C SER F 148 -9.70 -44.45 2.81
N PRO F 149 -8.60 -44.57 2.05
CA PRO F 149 -8.73 -44.65 0.59
C PRO F 149 -9.49 -45.89 0.12
N GLU F 150 -9.35 -47.01 0.83
CA GLU F 150 -10.07 -48.22 0.44
C GLU F 150 -11.57 -48.07 0.67
N ASP F 151 -11.96 -47.48 1.81
CA ASP F 151 -13.37 -47.18 2.03
C ASP F 151 -13.88 -46.15 1.03
N PHE F 152 -13.03 -45.21 0.62
CA PHE F 152 -13.41 -44.25 -0.41
C PHE F 152 -13.66 -44.95 -1.75
N LEU F 153 -12.81 -45.92 -2.09
CA LEU F 153 -13.05 -46.72 -3.29
C LEU F 153 -14.34 -47.52 -3.18
N ILE F 154 -14.58 -48.13 -2.03
CA ILE F 154 -15.84 -48.85 -1.80
C ILE F 154 -17.03 -47.93 -2.01
N PHE F 155 -16.94 -46.71 -1.48
CA PHE F 155 -18.05 -45.76 -1.62
C PHE F 155 -18.28 -45.39 -3.08
N VAL F 156 -17.22 -45.00 -3.79
CA VAL F 156 -17.41 -44.54 -5.17
C VAL F 156 -17.84 -45.69 -6.07
N LYS F 157 -17.46 -46.93 -5.74
CA LYS F 157 -17.96 -48.07 -6.51
C LYS F 157 -19.40 -48.43 -6.14
N ALA F 158 -19.83 -48.11 -4.91
CA ALA F 158 -21.19 -48.39 -4.50
C ALA F 158 -22.20 -47.44 -5.14
N THR F 159 -21.75 -46.34 -5.74
CA THR F 159 -22.62 -45.40 -6.42
C THR F 159 -22.83 -45.76 -7.89
N GLY F 160 -22.15 -46.80 -8.37
CA GLY F 160 -22.25 -47.19 -9.77
C GLY F 160 -21.20 -46.59 -10.69
N HIS F 161 -20.15 -46.00 -10.15
CA HIS F 161 -19.09 -45.38 -10.94
C HIS F 161 -17.83 -46.20 -10.76
N ASP F 162 -17.62 -47.17 -11.63
CA ASP F 162 -16.35 -47.87 -11.68
C ASP F 162 -15.30 -46.93 -12.23
N PRO F 163 -14.37 -46.43 -11.41
CA PRO F 163 -13.45 -45.39 -11.88
C PRO F 163 -12.46 -45.96 -12.90
N ILE F 164 -11.73 -45.04 -13.53
CA ILE F 164 -10.68 -45.45 -14.45
C ILE F 164 -9.35 -44.98 -13.86
N ILE F 165 -8.73 -45.83 -13.06
CA ILE F 165 -7.46 -45.49 -12.44
C ILE F 165 -6.35 -45.55 -13.48
N LEU F 166 -5.59 -44.48 -13.59
CA LEU F 166 -4.44 -44.42 -14.47
C LEU F 166 -3.30 -43.73 -13.73
N ASN F 167 -2.08 -44.11 -14.05
CA ASN F 167 -0.91 -43.61 -13.33
C ASN F 167 -0.27 -42.46 -14.09
N PHE F 168 0.21 -41.47 -13.35
CA PHE F 168 0.87 -40.31 -13.92
C PHE F 168 2.38 -40.38 -13.80
N ASP F 169 2.90 -41.12 -12.82
CA ASP F 169 4.34 -41.24 -12.62
C ASP F 169 4.96 -42.18 -13.64
#